data_8FDV
#
_entry.id   8FDV
#
_cell.length_a   119.298
_cell.length_b   180.388
_cell.length_c   232.884
_cell.angle_alpha   90.00
_cell.angle_beta   90.00
_cell.angle_gamma   90.00
#
_symmetry.space_group_name_H-M   'I 2 2 2'
#
loop_
_entity.id
_entity.type
_entity.pdbx_description
1 polymer 'Lysine-specific histone demethylase 1A'
2 polymer 'REST corepressor 1'
3 polymer 'Zinc finger protein SNAI1'
4 non-polymer '[[(2R,3S,4R,5R)-5-(6-aminopurin-9-yl)-3,4-bis(oxidanyl)oxolan-2-yl]methoxy-oxidanyl-phosphoryl] [(2R,3S,4S)-5-[5-methanoyl-7,8-dimethyl-2,4-bis(oxidanylidene)-1H-benzo[g]pteridin-10-yl]-2,3,4-tris(oxidanyl)pentyl] hydrogen phosphate'
#
loop_
_entity_poly.entity_id
_entity_poly.type
_entity_poly.pdbx_seq_one_letter_code
_entity_poly.pdbx_strand_id
1 'polypeptide(L)'
;GSSHHHHHHSSGLVPRGSHMLSGKKAAAAAAAAAAAATGTEAGPGTAGGSENGSEVAAQPAGLSGPAEVGPGAVGERTPR
KKEPPRASPPGGLAEPPGSAGPQAGPTVVPGSATPMETGIAETPEGRRTSRRKRAKVEYREMDESLANLSEDEYYSEEER
NAKAEKEKKLPPPPPQAPPEEENESEPEEPSGVEGAAFQSRLPHDRMTSQEAACFPDIISGPQQTQKVFLFIRNRTLQLW
LDNPKIQLTFEATLQQLEAPYNSDTVLVHRVHSYLERHGLINFGIYKRIKPLPTKKTGKVIIIGSGVSGLAAARQLQSFG
MDVTLLEARDRVGGRVATFRKGNYVADLGAMVVTGLGGNPMAVVSKQVNMELAKIKQKCPLYEANGQAVPKEKDEMVEQE
FNRLLEATSYLSHQLDFNVLNNKPVSLGQALEVVIQLQEKHVKDEQIEHWKKIVKTQEELKELLNKMVNLKEKIKELHQQ
YKEASEVKPPRDITAEFLVKSKHRDLTALCKEYDELAETQGKLEEKLQELEANPPSDVYLSSRDRQILDWHFANLEFANA
TPLSTLSLKHWDQDDDFEFTGSHLTVRNGYSCVPVALAEGLDIKLNTAVRQVRYTASGCEVIAVNTRSTSQTFIYKCDAV
LCTLPLGVLKQQPPAVQFVPPLPEWKTSAVQRMGFGNLNKVVLCFDRVFWDPSVNLFGHVGSTTASRGELFLFWNLYKAP
ILLALVAGEAAGIMENISDDVIVGRCLAILKGIFGSSAVPQPKETVVSRWRADPWARGSYSYVAAGSSGNDYDLMAQPIT
PGPSIPGAPQPIPRLFFAGEHTIRNYPATVHGALLSGLREAGRIADQFLGAMYTLPRQATPGVPAQQSPSM
;
A
2 'polypeptide(L)'
;GPLGSPEFRAKRKPPKGMFLSQEDVEAVSANATAATTVLRQLDMELVSVKRQIQNIKQTNSALKEKLDGGIEPYRLPEVI
QKCNARWTTEEQLLAVQAIRKYGRDFQAISDVIGNKSVVQVKNFFVNYRRRFNIDEVLQEWEAE
;
B
3 'polypeptide(L)' PRSFLVRKP C
#
loop_
_chem_comp.id
_chem_comp.type
_chem_comp.name
_chem_comp.formula
HUF non-polymer '[[(2R,3S,4R,5R)-5-(6-aminopurin-9-yl)-3,4-bis(oxidanyl)oxolan-2-yl]methoxy-oxidanyl-phosphoryl] [(2R,3S,4S)-5-[5-methanoyl-7,8-dimethyl-2,4-bis(oxidanylidene)-1H-benzo[g]pteridin-10-yl]-2,3,4-tris(oxidanyl)pentyl] hydrogen phosphate' 'C28 H35 N9 O16 P2'
#
# COMPACT_ATOMS: atom_id res chain seq x y z
N PRO A 190 15.16 -5.56 23.18
CA PRO A 190 15.33 -6.75 24.04
C PRO A 190 16.78 -6.93 24.55
N SER A 191 16.94 -7.40 25.79
CA SER A 191 18.24 -7.48 26.44
C SER A 191 18.30 -8.66 27.41
N GLY A 192 19.53 -9.13 27.65
CA GLY A 192 19.78 -10.26 28.51
C GLY A 192 19.87 -11.56 27.74
N VAL A 193 19.41 -12.66 28.36
CA VAL A 193 19.28 -13.90 27.60
C VAL A 193 18.15 -13.77 26.60
N GLU A 194 17.04 -13.13 27.00
CA GLU A 194 15.89 -12.98 26.11
C GLU A 194 16.24 -12.20 24.85
N GLY A 195 17.27 -11.35 24.92
CA GLY A 195 17.70 -10.63 23.73
C GLY A 195 18.40 -11.54 22.75
N ALA A 196 19.22 -12.46 23.27
CA ALA A 196 19.85 -13.48 22.43
C ALA A 196 18.81 -14.25 21.62
N ALA A 197 17.71 -14.65 22.26
CA ALA A 197 16.65 -15.33 21.53
C ALA A 197 16.12 -14.47 20.39
N PHE A 198 15.81 -13.19 20.68
CA PHE A 198 15.31 -12.28 19.64
C PHE A 198 16.36 -12.06 18.55
N GLN A 199 17.62 -11.84 18.93
CA GLN A 199 18.68 -11.64 17.96
C GLN A 199 18.94 -12.92 17.16
N SER A 200 18.34 -14.04 17.55
CA SER A 200 18.42 -15.29 16.83
C SER A 200 17.07 -15.74 16.29
N ARG A 201 16.14 -14.80 16.09
CA ARG A 201 14.87 -15.03 15.42
C ARG A 201 14.01 -16.10 16.12
N LEU A 202 14.17 -16.25 17.45
CA LEU A 202 13.50 -17.28 18.26
C LEU A 202 12.73 -16.67 19.44
N PRO A 203 11.52 -17.16 19.72
CA PRO A 203 10.83 -16.73 20.93
C PRO A 203 11.61 -17.15 22.17
N HIS A 204 11.75 -16.23 23.12
CA HIS A 204 12.51 -16.56 24.33
C HIS A 204 11.70 -17.40 25.30
N ASP A 205 10.38 -17.34 25.24
CA ASP A 205 9.53 -17.93 26.27
C ASP A 205 8.78 -19.16 25.76
N ARG A 206 9.22 -19.70 24.63
CA ARG A 206 8.47 -20.81 24.05
C ARG A 206 9.39 -21.58 23.11
N MET A 207 9.10 -22.88 22.99
CA MET A 207 9.91 -23.76 22.17
C MET A 207 9.35 -23.83 20.77
N THR A 208 10.26 -23.78 19.78
CA THR A 208 9.86 -23.71 18.38
C THR A 208 9.44 -25.08 17.88
N SER A 209 8.81 -25.10 16.72
CA SER A 209 8.44 -26.37 16.11
C SER A 209 9.68 -27.21 15.80
N GLN A 210 10.82 -26.56 15.56
CA GLN A 210 12.05 -27.30 15.29
C GLN A 210 12.60 -27.95 16.55
N GLU A 211 12.46 -27.29 17.69
CA GLU A 211 12.94 -27.85 18.94
C GLU A 211 12.06 -29.00 19.40
N ALA A 212 10.75 -28.84 19.30
CA ALA A 212 9.84 -29.95 19.53
C ALA A 212 10.24 -31.19 18.73
N ALA A 213 10.88 -31.00 17.58
CA ALA A 213 11.32 -32.15 16.80
C ALA A 213 12.48 -32.86 17.49
N CYS A 214 13.50 -32.11 17.91
CA CYS A 214 14.70 -32.66 18.51
C CYS A 214 14.58 -32.96 20.00
N PHE A 215 13.60 -32.36 20.68
CA PHE A 215 13.43 -32.57 22.11
C PHE A 215 11.97 -32.90 22.40
N PRO A 216 11.42 -33.94 21.75
CA PRO A 216 10.00 -34.24 21.98
C PRO A 216 9.74 -34.68 23.38
N ASP A 217 10.86 -34.98 24.03
CA ASP A 217 10.83 -35.47 25.42
C ASP A 217 10.57 -34.28 26.34
N ILE A 218 11.00 -33.10 25.93
CA ILE A 218 10.81 -31.91 26.78
C ILE A 218 9.51 -31.19 26.42
N ILE A 219 9.13 -31.10 25.15
CA ILE A 219 7.88 -30.34 24.85
C ILE A 219 6.68 -31.02 25.49
N SER A 220 6.63 -32.34 25.53
CA SER A 220 5.46 -33.00 26.15
C SER A 220 5.66 -33.17 27.65
N GLY A 221 6.78 -32.75 28.20
CA GLY A 221 7.05 -32.95 29.63
C GLY A 221 6.57 -31.80 30.48
N PRO A 222 6.96 -31.76 31.76
CA PRO A 222 6.57 -30.69 32.67
C PRO A 222 7.18 -29.32 32.39
N GLN A 223 6.33 -28.30 32.40
CA GLN A 223 6.68 -26.90 32.09
C GLN A 223 7.94 -26.49 32.85
N GLN A 224 8.24 -27.15 33.94
CA GLN A 224 9.47 -26.72 34.61
C GLN A 224 10.66 -26.96 33.71
N THR A 225 10.80 -28.20 33.23
CA THR A 225 11.95 -28.55 32.40
C THR A 225 12.03 -27.68 31.15
N GLN A 226 10.85 -27.33 30.58
CA GLN A 226 10.82 -26.44 29.42
C GLN A 226 11.53 -25.12 29.71
N LYS A 227 11.16 -24.47 30.82
CA LYS A 227 11.78 -23.18 31.16
C LYS A 227 13.27 -23.35 31.43
N VAL A 228 13.67 -24.51 31.94
CA VAL A 228 15.08 -24.83 32.11
C VAL A 228 15.69 -24.81 30.72
N PHE A 229 15.29 -25.77 29.90
CA PHE A 229 15.68 -25.89 28.50
C PHE A 229 15.76 -24.52 27.85
N LEU A 230 14.65 -23.79 27.94
CA LEU A 230 14.53 -22.50 27.26
C LEU A 230 15.61 -21.60 27.81
N PHE A 231 15.78 -21.59 29.11
CA PHE A 231 16.87 -20.76 29.64
C PHE A 231 18.20 -21.34 29.16
N ILE A 232 18.31 -22.66 29.17
CA ILE A 232 19.59 -23.30 28.77
C ILE A 232 19.90 -22.92 27.35
N ARG A 233 18.90 -22.91 26.45
CA ARG A 233 19.14 -22.49 25.06
C ARG A 233 19.51 -21.02 25.08
N ASN A 234 18.70 -20.19 25.74
CA ASN A 234 18.83 -18.71 25.62
C ASN A 234 20.20 -18.27 26.08
N ARG A 235 20.70 -18.83 27.16
CA ARG A 235 22.03 -18.38 27.61
C ARG A 235 23.07 -18.76 26.56
N THR A 236 22.95 -19.95 26.02
CA THR A 236 23.98 -20.44 25.07
C THR A 236 24.11 -19.49 23.90
N LEU A 237 23.00 -19.09 23.30
CA LEU A 237 23.12 -18.17 22.17
C LEU A 237 23.84 -16.90 22.60
N GLN A 238 23.49 -16.37 23.78
CA GLN A 238 24.12 -15.15 24.28
C GLN A 238 25.63 -15.27 24.30
N LEU A 239 26.15 -16.39 24.81
CA LEU A 239 27.60 -16.57 24.84
C LEU A 239 28.21 -16.53 23.45
N TRP A 240 27.62 -17.27 22.51
CA TRP A 240 28.07 -17.15 21.13
C TRP A 240 27.94 -15.72 20.66
N LEU A 241 26.81 -15.09 20.97
CA LEU A 241 26.48 -13.79 20.40
C LEU A 241 27.43 -12.71 20.91
N ASP A 242 27.86 -12.79 22.17
CA ASP A 242 28.72 -11.70 22.68
C ASP A 242 30.11 -11.80 22.09
N ASN A 243 30.53 -13.00 21.70
CA ASN A 243 31.87 -13.21 21.16
C ASN A 243 31.75 -14.21 20.02
N PRO A 244 31.46 -13.73 18.82
CA PRO A 244 31.26 -14.65 17.70
C PRO A 244 32.48 -14.78 16.84
N LYS A 245 33.65 -14.48 17.38
CA LYS A 245 34.89 -14.68 16.65
C LYS A 245 35.72 -15.86 17.16
N ILE A 246 35.27 -16.51 18.23
CA ILE A 246 35.87 -17.75 18.69
C ILE A 246 34.75 -18.76 18.81
N GLN A 247 35.07 -19.99 18.40
CA GLN A 247 34.14 -21.10 18.54
C GLN A 247 33.66 -21.21 19.97
N LEU A 248 32.38 -21.47 20.12
CA LEU A 248 31.79 -21.77 21.42
C LEU A 248 31.77 -23.28 21.61
N THR A 249 32.67 -23.79 22.44
CA THR A 249 32.74 -25.22 22.73
C THR A 249 31.74 -25.59 23.80
N PHE A 250 31.35 -26.86 23.80
CA PHE A 250 30.46 -27.37 24.84
C PHE A 250 30.99 -27.06 26.23
N GLU A 251 32.26 -27.36 26.45
CA GLU A 251 32.86 -27.15 27.76
C GLU A 251 32.75 -25.69 28.17
N ALA A 252 33.18 -24.78 27.29
CA ALA A 252 33.06 -23.35 27.57
C ALA A 252 31.65 -22.98 27.98
N THR A 253 30.64 -23.62 27.38
CA THR A 253 29.26 -23.30 27.70
C THR A 253 28.87 -23.82 29.08
N LEU A 254 29.30 -25.04 29.41
CA LEU A 254 28.92 -25.61 30.69
C LEU A 254 29.72 -24.99 31.82
N GLN A 255 31.01 -24.65 31.58
CA GLN A 255 31.67 -23.71 32.48
C GLN A 255 30.73 -22.57 32.89
N GLN A 256 30.25 -21.79 31.94
CA GLN A 256 29.68 -20.50 32.28
C GLN A 256 28.21 -20.54 32.65
N LEU A 257 27.61 -21.73 32.72
CA LEU A 257 26.30 -21.82 33.35
C LEU A 257 26.39 -21.97 34.86
N GLU A 258 25.39 -21.44 35.55
CA GLU A 258 25.21 -21.60 36.98
C GLU A 258 24.23 -22.74 37.25
N ALA A 259 24.23 -23.23 38.48
CA ALA A 259 23.20 -24.16 38.91
C ALA A 259 21.88 -23.42 39.03
N PRO A 260 20.75 -24.13 38.94
CA PRO A 260 20.56 -25.57 38.72
C PRO A 260 20.82 -25.97 37.27
N TYR A 261 21.07 -24.95 36.44
CA TYR A 261 21.13 -25.12 34.99
C TYR A 261 22.35 -25.91 34.55
N ASN A 262 23.44 -25.88 35.32
CA ASN A 262 24.63 -26.65 34.96
C ASN A 262 24.67 -28.02 35.64
N SER A 263 23.51 -28.58 35.96
CA SER A 263 23.42 -29.88 36.62
C SER A 263 23.15 -31.02 35.64
N ASP A 264 22.27 -30.83 34.66
CA ASP A 264 21.99 -31.87 33.67
C ASP A 264 22.96 -31.66 32.52
N THR A 265 24.08 -32.38 32.55
CA THR A 265 25.08 -32.12 31.52
C THR A 265 24.69 -32.68 30.16
N VAL A 266 23.80 -33.68 30.09
CA VAL A 266 23.41 -34.11 28.75
C VAL A 266 22.40 -33.13 28.14
N LEU A 267 21.50 -32.55 28.95
CA LEU A 267 20.67 -31.46 28.44
C LEU A 267 21.54 -30.38 27.82
N VAL A 268 22.52 -29.90 28.57
CA VAL A 268 23.43 -28.89 28.03
C VAL A 268 24.13 -29.41 26.78
N HIS A 269 24.53 -30.68 26.77
CA HIS A 269 25.16 -31.19 25.57
C HIS A 269 24.18 -31.30 24.42
N ARG A 270 22.96 -31.77 24.67
CA ARG A 270 21.95 -31.83 23.61
C ARG A 270 21.68 -30.45 23.01
N VAL A 271 21.39 -29.45 23.88
CA VAL A 271 21.14 -28.09 23.42
C VAL A 271 22.31 -27.57 22.59
N HIS A 272 23.53 -27.61 23.16
CA HIS A 272 24.67 -27.07 22.43
C HIS A 272 24.87 -27.80 21.12
N SER A 273 24.56 -29.09 21.06
CA SER A 273 24.75 -29.80 19.81
C SER A 273 23.69 -29.40 18.79
N TYR A 274 22.42 -29.40 19.20
CA TYR A 274 21.35 -28.84 18.36
C TYR A 274 21.67 -27.47 17.79
N LEU A 275 22.12 -26.54 18.64
CA LEU A 275 22.41 -25.20 18.16
C LEU A 275 23.52 -25.21 17.13
N GLU A 276 24.65 -25.85 17.46
CA GLU A 276 25.80 -25.87 16.57
C GLU A 276 25.43 -26.48 15.22
N ARG A 277 24.55 -27.48 15.25
CA ARG A 277 24.18 -28.21 14.04
C ARG A 277 23.37 -27.33 13.12
N HIS A 278 22.40 -26.61 13.68
CA HIS A 278 21.48 -25.82 12.89
C HIS A 278 21.95 -24.40 12.73
N GLY A 279 23.24 -24.16 12.91
CA GLY A 279 23.86 -22.91 12.54
C GLY A 279 23.45 -21.73 13.37
N LEU A 280 22.96 -21.94 14.59
CA LEU A 280 22.63 -20.82 15.46
C LEU A 280 23.84 -20.33 16.23
N ILE A 281 24.84 -21.19 16.42
CA ILE A 281 26.10 -20.82 17.05
C ILE A 281 27.17 -21.41 16.16
N ASN A 282 28.39 -20.90 16.32
CA ASN A 282 29.54 -21.33 15.52
C ASN A 282 29.17 -21.48 14.05
N PHE A 283 28.76 -20.36 13.47
CA PHE A 283 28.56 -20.23 12.04
C PHE A 283 29.35 -19.00 11.58
N GLY A 284 29.55 -18.91 10.28
CA GLY A 284 30.29 -17.77 9.77
C GLY A 284 31.79 -18.02 9.80
N ILE A 285 32.51 -17.06 10.37
CA ILE A 285 33.98 -17.06 10.33
C ILE A 285 34.48 -16.95 11.75
N TYR A 286 34.83 -18.08 12.33
CA TYR A 286 35.31 -18.02 13.71
C TYR A 286 36.63 -18.76 13.83
N LYS A 287 37.40 -18.43 14.86
CA LYS A 287 38.65 -19.17 15.13
C LYS A 287 38.20 -20.49 15.72
N ARG A 288 38.73 -21.59 15.23
CA ARG A 288 38.27 -22.87 15.78
C ARG A 288 39.14 -23.18 16.99
N ILE A 289 38.55 -23.66 18.06
CA ILE A 289 39.42 -24.07 19.20
C ILE A 289 39.85 -25.50 18.88
N LYS A 290 38.87 -26.39 18.77
CA LYS A 290 39.09 -27.81 18.43
C LYS A 290 39.37 -27.89 16.93
N PRO A 291 40.61 -28.16 16.47
CA PRO A 291 40.90 -28.17 15.05
C PRO A 291 40.20 -29.31 14.31
N LEU A 292 40.09 -29.13 13.00
CA LEU A 292 39.37 -30.06 12.10
C LEU A 292 39.83 -31.50 12.28
N PRO A 293 38.91 -32.47 12.13
CA PRO A 293 39.24 -33.87 12.24
C PRO A 293 40.11 -34.19 11.03
N THR A 294 41.13 -35.00 11.25
CA THR A 294 42.08 -35.39 10.18
C THR A 294 41.32 -35.92 8.97
N LYS A 295 40.45 -36.90 9.18
CA LYS A 295 39.74 -37.53 8.05
C LYS A 295 38.29 -37.09 8.05
N LYS A 296 37.79 -36.72 6.87
CA LYS A 296 36.41 -36.25 6.69
C LYS A 296 35.49 -37.44 6.51
N THR A 297 34.18 -37.24 6.59
CA THR A 297 33.25 -38.35 6.38
C THR A 297 32.19 -37.89 5.41
N GLY A 298 31.99 -38.56 4.28
CA GLY A 298 30.92 -38.20 3.33
C GLY A 298 31.36 -37.20 2.29
N LYS A 299 30.80 -37.25 1.09
CA LYS A 299 31.24 -36.26 0.09
C LYS A 299 30.05 -35.50 -0.46
N VAL A 300 30.11 -34.18 -0.42
CA VAL A 300 28.98 -33.34 -0.92
C VAL A 300 29.49 -32.35 -1.93
N ILE A 301 28.84 -32.34 -3.09
CA ILE A 301 29.02 -31.36 -4.15
C ILE A 301 27.97 -30.27 -3.99
N ILE A 302 28.42 -29.03 -3.91
CA ILE A 302 27.57 -27.84 -3.82
C ILE A 302 27.63 -27.07 -5.12
N ILE A 303 26.48 -26.96 -5.80
CA ILE A 303 26.38 -26.20 -7.03
C ILE A 303 26.17 -24.72 -6.69
N GLY A 304 27.18 -23.90 -6.98
CA GLY A 304 27.14 -22.47 -6.79
C GLY A 304 27.90 -22.01 -5.58
N SER A 305 28.69 -20.96 -5.67
CA SER A 305 29.18 -20.26 -4.48
C SER A 305 28.51 -18.90 -4.31
N GLY A 306 27.20 -18.84 -4.57
CA GLY A 306 26.40 -17.82 -3.94
C GLY A 306 26.50 -17.89 -2.43
N VAL A 307 25.99 -16.89 -1.73
CA VAL A 307 26.15 -16.86 -0.29
C VAL A 307 25.49 -18.08 0.34
N SER A 308 24.35 -18.51 -0.18
CA SER A 308 23.73 -19.71 0.37
C SER A 308 24.70 -20.88 0.27
N GLY A 309 25.22 -21.13 -0.94
CA GLY A 309 26.31 -22.07 -1.15
C GLY A 309 27.46 -21.94 -0.16
N LEU A 310 28.15 -20.80 -0.17
CA LEU A 310 29.30 -20.64 0.71
C LEU A 310 28.92 -20.94 2.15
N ALA A 311 27.74 -20.51 2.54
CA ALA A 311 27.34 -20.68 3.94
C ALA A 311 27.26 -22.14 4.31
N ALA A 312 26.62 -22.95 3.45
CA ALA A 312 26.48 -24.37 3.73
C ALA A 312 27.83 -25.07 3.69
N ALA A 313 28.54 -24.92 2.58
CA ALA A 313 29.89 -25.46 2.42
C ALA A 313 30.71 -25.23 3.67
N ARG A 314 30.73 -24.00 4.15
CA ARG A 314 31.53 -23.69 5.32
C ARG A 314 31.04 -24.46 6.54
N GLN A 315 29.74 -24.73 6.62
CA GLN A 315 29.19 -25.45 7.76
C GLN A 315 29.48 -26.93 7.67
N LEU A 316 29.34 -27.50 6.47
CA LEU A 316 29.60 -28.91 6.25
C LEU A 316 31.07 -29.21 6.55
N GLN A 317 31.98 -28.44 5.97
CA GLN A 317 33.38 -28.57 6.33
C GLN A 317 33.59 -28.41 7.83
N SER A 318 32.88 -27.48 8.46
CA SER A 318 32.89 -27.39 9.91
C SER A 318 32.44 -28.67 10.58
N PHE A 319 31.66 -29.50 9.89
CA PHE A 319 31.13 -30.73 10.45
C PHE A 319 31.95 -31.95 10.06
N GLY A 320 33.14 -31.74 9.50
CA GLY A 320 33.94 -32.83 9.00
C GLY A 320 33.25 -33.52 7.84
N MET A 321 33.05 -32.81 6.74
CA MET A 321 32.59 -33.47 5.54
C MET A 321 33.46 -32.98 4.41
N ASP A 322 33.51 -33.78 3.35
CA ASP A 322 34.28 -33.40 2.17
C ASP A 322 33.33 -32.63 1.26
N VAL A 323 33.65 -31.37 0.99
CA VAL A 323 32.73 -30.49 0.29
C VAL A 323 33.46 -29.76 -0.81
N THR A 324 32.90 -29.83 -2.02
CA THR A 324 33.42 -29.14 -3.18
C THR A 324 32.31 -28.29 -3.78
N LEU A 325 32.62 -27.00 -4.02
CA LEU A 325 31.69 -26.10 -4.67
C LEU A 325 32.07 -25.96 -6.14
N LEU A 326 31.05 -26.06 -6.97
CA LEU A 326 31.15 -25.91 -8.42
C LEU A 326 30.61 -24.53 -8.73
N GLU A 327 31.29 -23.81 -9.59
CA GLU A 327 30.98 -22.40 -9.82
C GLU A 327 31.09 -22.07 -11.31
N ALA A 328 30.01 -21.62 -11.94
CA ALA A 328 30.06 -21.27 -13.36
C ALA A 328 30.84 -19.98 -13.55
N ARG A 329 30.82 -19.11 -12.57
CA ARG A 329 31.49 -17.79 -12.67
C ARG A 329 32.96 -17.91 -12.37
N ASP A 330 33.65 -16.80 -12.45
CA ASP A 330 35.09 -16.73 -12.14
C ASP A 330 35.28 -15.99 -10.83
N ARG A 331 34.21 -15.86 -10.06
CA ARG A 331 34.29 -15.18 -8.76
C ARG A 331 33.19 -15.73 -7.88
N VAL A 332 33.36 -15.62 -6.58
CA VAL A 332 32.33 -16.11 -5.62
C VAL A 332 31.31 -15.02 -5.37
N GLY A 333 30.23 -15.36 -4.68
CA GLY A 333 29.25 -14.36 -4.25
C GLY A 333 28.05 -14.27 -5.14
N GLY A 334 28.18 -14.73 -6.37
CA GLY A 334 27.03 -14.72 -7.28
C GLY A 334 26.33 -13.38 -7.32
N ARG A 335 25.11 -13.32 -6.81
CA ARG A 335 24.34 -12.08 -6.85
C ARG A 335 24.80 -11.06 -5.81
N VAL A 336 25.84 -11.34 -5.03
CA VAL A 336 26.60 -10.30 -4.34
C VAL A 336 27.78 -9.98 -5.26
N ALA A 337 27.54 -9.07 -6.20
CA ALA A 337 28.52 -8.53 -7.12
C ALA A 337 28.99 -7.17 -6.61
N THR A 338 30.21 -6.81 -6.95
CA THR A 338 30.79 -5.56 -6.42
C THR A 338 31.79 -5.04 -7.43
N PHE A 339 31.52 -3.85 -7.96
CA PHE A 339 32.45 -3.18 -8.84
C PHE A 339 33.67 -2.70 -8.06
N ARG A 340 34.84 -2.80 -8.70
CA ARG A 340 36.06 -2.17 -8.18
C ARG A 340 36.92 -1.74 -9.35
N LYS A 341 37.42 -0.53 -9.22
CA LYS A 341 38.38 0.12 -10.14
C LYS A 341 38.99 1.22 -9.28
N GLY A 342 40.27 1.10 -8.95
CA GLY A 342 40.90 2.12 -8.10
C GLY A 342 40.15 2.25 -6.80
N ASN A 343 39.77 3.46 -6.43
CA ASN A 343 39.02 3.63 -5.17
C ASN A 343 37.52 3.54 -5.46
N TYR A 344 37.15 3.45 -6.73
CA TYR A 344 35.69 3.33 -6.96
C TYR A 344 35.25 1.97 -6.45
N VAL A 345 34.09 1.92 -5.80
CA VAL A 345 33.53 0.66 -5.26
C VAL A 345 32.02 0.82 -5.25
N ALA A 346 31.30 -0.14 -5.82
CA ALA A 346 29.84 -0.05 -5.89
C ALA A 346 29.24 -1.42 -6.17
N ASP A 347 28.25 -1.83 -5.37
CA ASP A 347 27.61 -3.11 -5.60
C ASP A 347 26.59 -3.02 -6.73
N LEU A 348 26.74 -3.89 -7.73
CA LEU A 348 25.66 -4.14 -8.66
C LEU A 348 24.69 -5.19 -8.17
N GLY A 349 24.91 -5.71 -6.97
CA GLY A 349 23.99 -6.76 -6.52
C GLY A 349 23.34 -6.36 -5.23
N ALA A 350 23.37 -7.23 -4.24
CA ALA A 350 22.76 -6.85 -2.97
C ALA A 350 23.54 -5.69 -2.40
N MET A 351 22.85 -4.69 -1.86
CA MET A 351 23.59 -3.51 -1.39
C MET A 351 23.18 -3.09 0.01
N VAL A 352 22.08 -3.58 0.54
CA VAL A 352 21.67 -3.04 1.85
C VAL A 352 21.46 -4.16 2.86
N VAL A 353 21.86 -3.90 4.10
CA VAL A 353 21.59 -4.84 5.22
C VAL A 353 20.31 -4.30 5.82
N THR A 354 19.23 -5.05 5.80
CA THR A 354 17.97 -4.47 6.21
C THR A 354 17.80 -4.59 7.71
N GLY A 355 18.76 -4.07 8.46
CA GLY A 355 18.57 -3.88 9.89
C GLY A 355 19.24 -4.94 10.70
N LEU A 356 19.88 -4.59 11.80
CA LEU A 356 20.62 -5.59 12.56
C LEU A 356 19.79 -6.28 13.64
N GLY A 357 18.49 -5.96 13.73
CA GLY A 357 17.69 -6.47 14.82
C GLY A 357 17.25 -7.87 14.56
N GLY A 358 18.06 -8.84 15.01
CA GLY A 358 17.78 -10.24 14.71
C GLY A 358 18.26 -10.69 13.35
N ASN A 359 19.24 -10.03 12.82
CA ASN A 359 19.80 -10.35 11.52
C ASN A 359 21.05 -11.20 11.70
N PRO A 360 21.13 -12.39 11.05
CA PRO A 360 22.38 -13.15 11.08
C PRO A 360 23.55 -12.40 10.50
N MET A 361 23.31 -11.37 9.70
CA MET A 361 24.40 -10.57 9.15
C MET A 361 25.04 -9.69 10.20
N ALA A 362 24.32 -9.43 11.31
CA ALA A 362 24.92 -8.79 12.46
C ALA A 362 26.11 -9.59 12.97
N VAL A 363 25.91 -10.91 13.14
CA VAL A 363 27.01 -11.78 13.55
C VAL A 363 28.17 -11.67 12.57
N VAL A 364 27.88 -11.80 11.28
CA VAL A 364 28.91 -11.73 10.26
C VAL A 364 29.66 -10.41 10.34
N SER A 365 28.90 -9.33 10.65
CA SER A 365 29.51 -8.01 10.64
C SER A 365 30.56 -7.89 11.74
N LYS A 366 30.31 -8.49 12.91
CA LYS A 366 31.34 -8.49 13.95
C LYS A 366 32.48 -9.38 13.49
N GLN A 367 32.18 -10.38 12.69
CA GLN A 367 33.20 -11.38 12.31
C GLN A 367 34.06 -10.92 11.14
N VAL A 368 33.72 -9.81 10.52
CA VAL A 368 34.58 -9.46 9.36
C VAL A 368 34.54 -7.95 9.20
N ASN A 369 35.69 -7.33 9.03
CA ASN A 369 35.76 -5.87 8.84
C ASN A 369 34.81 -5.47 7.72
N MET A 370 33.62 -5.03 8.11
CA MET A 370 32.58 -4.58 7.18
C MET A 370 32.29 -3.17 7.67
N GLU A 371 32.53 -2.14 6.87
CA GLU A 371 32.22 -0.80 7.38
C GLU A 371 30.73 -0.60 7.14
N LEU A 372 29.90 -0.68 8.17
CA LEU A 372 28.48 -0.49 7.87
C LEU A 372 28.11 0.96 8.09
N ALA A 373 27.79 1.66 7.00
CA ALA A 373 27.28 3.02 7.05
C ALA A 373 25.76 3.04 7.03
N LYS A 374 25.18 3.89 7.86
CA LYS A 374 23.75 3.95 8.04
C LYS A 374 23.11 4.85 6.97
N ILE A 375 21.91 4.50 6.55
CA ILE A 375 21.20 5.22 5.49
C ILE A 375 20.21 6.21 6.08
N LYS A 376 20.32 7.46 5.61
CA LYS A 376 19.45 8.55 6.04
C LYS A 376 18.16 8.52 5.22
N GLN A 377 17.03 8.44 5.92
CA GLN A 377 15.74 8.11 5.31
C GLN A 377 15.23 9.19 4.35
N LYS A 378 15.79 10.41 4.41
CA LYS A 378 15.27 11.55 3.65
C LYS A 378 15.56 11.42 2.17
N CYS A 379 14.51 11.54 1.33
CA CYS A 379 14.64 11.34 -0.10
C CYS A 379 13.79 12.34 -0.87
N PRO A 380 14.42 13.38 -1.44
CA PRO A 380 13.66 14.36 -2.21
C PRO A 380 13.30 13.89 -3.61
N LEU A 381 12.01 13.98 -3.96
CA LEU A 381 11.58 13.75 -5.33
C LEU A 381 11.75 15.02 -6.17
N TYR A 382 11.90 14.82 -7.48
CA TYR A 382 12.39 15.80 -8.45
C TYR A 382 11.78 15.46 -9.79
N GLU A 383 10.70 16.12 -10.17
CA GLU A 383 9.95 15.65 -11.33
C GLU A 383 10.67 16.01 -12.63
N ALA A 384 10.01 15.75 -13.76
CA ALA A 384 10.72 15.67 -15.03
C ALA A 384 11.36 17.01 -15.42
N ASN A 385 10.77 18.13 -14.98
CA ASN A 385 11.36 19.44 -15.23
C ASN A 385 12.76 19.55 -14.65
N GLY A 386 12.94 19.16 -13.39
CA GLY A 386 14.22 19.21 -12.71
C GLY A 386 14.14 19.92 -11.38
N GLN A 387 12.95 20.01 -10.79
CA GLN A 387 12.78 20.78 -9.58
C GLN A 387 11.94 20.03 -8.57
N ALA A 388 12.27 20.26 -7.29
CA ALA A 388 11.73 19.45 -6.22
C ALA A 388 10.21 19.53 -6.19
N VAL A 389 9.63 18.40 -5.83
CA VAL A 389 8.16 18.45 -5.59
C VAL A 389 8.05 19.10 -4.21
N PRO A 390 7.09 20.01 -4.00
CA PRO A 390 6.99 20.70 -2.73
C PRO A 390 6.36 19.80 -1.67
N LYS A 391 6.85 19.93 -0.44
CA LYS A 391 6.43 19.16 0.76
C LYS A 391 4.93 18.92 0.82
N GLU A 392 4.12 19.97 0.64
CA GLU A 392 2.65 19.84 0.65
C GLU A 392 2.24 18.69 -0.25
N LYS A 393 2.68 18.73 -1.51
CA LYS A 393 2.29 17.65 -2.45
C LYS A 393 2.98 16.35 -2.07
N ASP A 394 4.31 16.42 -1.98
CA ASP A 394 5.16 15.28 -1.60
C ASP A 394 4.50 14.50 -0.48
N GLU A 395 4.11 15.18 0.59
CA GLU A 395 3.52 14.45 1.69
C GLU A 395 2.15 13.91 1.36
N MET A 396 1.43 14.50 0.42
CA MET A 396 0.05 14.03 0.36
C MET A 396 -0.09 12.85 -0.58
N VAL A 397 0.77 12.80 -1.59
CA VAL A 397 0.74 11.64 -2.50
C VAL A 397 1.19 10.46 -1.65
N GLU A 398 2.31 10.62 -0.97
CA GLU A 398 2.86 9.55 -0.12
C GLU A 398 1.77 9.08 0.84
N GLN A 399 1.06 10.02 1.44
CA GLN A 399 -0.01 9.63 2.37
C GLN A 399 -1.04 8.83 1.59
N GLU A 400 -1.44 9.29 0.42
CA GLU A 400 -2.45 8.54 -0.36
C GLU A 400 -1.88 7.18 -0.72
N PHE A 401 -0.62 7.15 -1.14
CA PHE A 401 0.03 5.89 -1.54
C PHE A 401 -0.14 4.86 -0.43
N ASN A 402 0.34 5.18 0.76
CA ASN A 402 0.20 4.22 1.87
C ASN A 402 -1.28 3.97 2.09
N ARG A 403 -2.13 4.97 1.94
CA ARG A 403 -3.56 4.69 2.12
C ARG A 403 -3.98 3.71 1.04
N LEU A 404 -3.53 3.93 -0.18
CA LEU A 404 -3.90 3.03 -1.29
C LEU A 404 -3.48 1.61 -0.97
N LEU A 405 -2.28 1.42 -0.48
CA LEU A 405 -1.81 0.04 -0.17
C LEU A 405 -2.78 -0.61 0.80
N GLU A 406 -3.06 0.04 1.92
CA GLU A 406 -3.97 -0.50 2.96
C GLU A 406 -5.30 -0.91 2.33
N ALA A 407 -5.86 -0.10 1.47
CA ALA A 407 -7.11 -0.44 0.77
C ALA A 407 -7.00 -1.83 0.16
N THR A 408 -5.96 -2.05 -0.63
CA THR A 408 -5.78 -3.36 -1.31
C THR A 408 -5.80 -4.45 -0.26
N SER A 409 -5.07 -4.23 0.83
CA SER A 409 -5.09 -5.22 1.90
C SER A 409 -6.51 -5.50 2.36
N TYR A 410 -7.36 -4.46 2.37
CA TYR A 410 -8.75 -4.60 2.77
C TYR A 410 -9.56 -5.34 1.70
N LEU A 411 -9.20 -5.21 0.42
CA LEU A 411 -9.86 -5.98 -0.62
C LEU A 411 -9.57 -7.47 -0.50
N SER A 412 -8.32 -7.85 -0.22
CA SER A 412 -8.07 -9.28 -0.24
C SER A 412 -8.59 -9.94 1.04
N HIS A 413 -8.42 -9.30 2.20
CA HIS A 413 -8.65 -10.02 3.44
C HIS A 413 -10.08 -9.93 3.95
N GLN A 414 -10.73 -8.76 3.85
CA GLN A 414 -12.10 -8.59 4.34
C GLN A 414 -13.16 -8.63 3.25
N LEU A 415 -12.81 -8.39 1.98
CA LEU A 415 -13.81 -8.52 0.94
C LEU A 415 -13.57 -9.74 0.03
N ASP A 416 -12.50 -10.50 0.29
CA ASP A 416 -12.13 -11.71 -0.49
C ASP A 416 -12.12 -11.42 -1.99
N PHE A 417 -11.38 -10.37 -2.37
CA PHE A 417 -11.25 -10.03 -3.77
C PHE A 417 -9.94 -10.63 -4.30
N ASN A 418 -9.97 -11.94 -4.49
CA ASN A 418 -8.74 -12.65 -4.79
C ASN A 418 -8.81 -13.52 -6.04
N VAL A 419 -9.98 -13.68 -6.64
CA VAL A 419 -10.13 -14.29 -7.95
C VAL A 419 -11.01 -13.37 -8.81
N LEU A 420 -10.74 -13.37 -10.12
CA LEU A 420 -11.46 -12.47 -11.02
C LEU A 420 -11.27 -13.00 -12.45
N ASN A 421 -12.31 -13.66 -12.97
CA ASN A 421 -12.29 -14.30 -14.29
C ASN A 421 -11.38 -15.53 -14.25
N ASN A 422 -11.48 -16.28 -13.16
CA ASN A 422 -10.95 -17.61 -12.93
C ASN A 422 -9.48 -17.54 -12.53
N LYS A 423 -8.78 -16.35 -12.72
CA LYS A 423 -7.39 -15.93 -12.57
C LYS A 423 -7.17 -15.25 -11.23
N PRO A 424 -5.96 -15.36 -10.66
CA PRO A 424 -5.70 -14.73 -9.37
C PRO A 424 -5.53 -13.24 -9.53
N VAL A 425 -6.05 -12.49 -8.56
CA VAL A 425 -5.97 -11.04 -8.65
C VAL A 425 -4.56 -10.61 -8.29
N SER A 426 -3.98 -9.71 -9.08
CA SER A 426 -2.66 -9.23 -8.74
C SER A 426 -2.76 -7.96 -7.89
N LEU A 427 -1.65 -7.56 -7.29
CA LEU A 427 -1.63 -6.30 -6.56
C LEU A 427 -1.86 -5.13 -7.51
N GLY A 428 -1.30 -5.20 -8.72
CA GLY A 428 -1.53 -4.15 -9.69
C GLY A 428 -2.99 -3.96 -10.04
N GLN A 429 -3.70 -5.04 -10.33
CA GLN A 429 -5.13 -4.91 -10.63
C GLN A 429 -5.86 -4.23 -9.47
N ALA A 430 -5.60 -4.71 -8.25
CA ALA A 430 -6.31 -4.20 -7.08
C ALA A 430 -6.04 -2.72 -6.86
N LEU A 431 -4.82 -2.28 -7.11
CA LEU A 431 -4.55 -0.84 -7.06
C LEU A 431 -5.39 -0.08 -8.07
N GLU A 432 -5.54 -0.60 -9.28
CA GLU A 432 -6.39 0.10 -10.23
C GLU A 432 -7.84 0.09 -9.75
N VAL A 433 -8.34 -1.07 -9.30
CA VAL A 433 -9.71 -1.15 -8.79
C VAL A 433 -9.93 -0.27 -7.56
N VAL A 434 -8.88 0.06 -6.82
CA VAL A 434 -9.07 0.98 -5.70
C VAL A 434 -9.11 2.42 -6.20
N ILE A 435 -8.16 2.80 -7.05
CA ILE A 435 -8.20 4.15 -7.63
C ILE A 435 -9.51 4.39 -8.33
N GLN A 436 -9.96 3.45 -9.16
CA GLN A 436 -11.23 3.64 -9.85
C GLN A 436 -12.35 3.88 -8.86
N LEU A 437 -12.48 3.03 -7.84
CA LEU A 437 -13.50 3.26 -6.83
C LEU A 437 -13.29 4.56 -6.05
N GLN A 438 -12.10 5.17 -6.12
CA GLN A 438 -11.91 6.47 -5.51
C GLN A 438 -12.22 7.59 -6.49
N GLU A 439 -11.91 7.39 -7.77
CA GLU A 439 -12.32 8.32 -8.79
C GLU A 439 -13.85 8.35 -8.92
N LYS A 440 -14.46 7.17 -8.78
CA LYS A 440 -15.93 7.14 -8.87
C LYS A 440 -16.47 7.86 -7.66
N HIS A 441 -15.86 7.68 -6.50
CA HIS A 441 -16.43 8.35 -5.32
C HIS A 441 -16.36 9.86 -5.48
N VAL A 442 -15.29 10.39 -6.04
CA VAL A 442 -15.20 11.87 -6.20
C VAL A 442 -16.36 12.31 -7.07
N LYS A 443 -16.62 11.63 -8.18
CA LYS A 443 -17.76 12.09 -9.00
C LYS A 443 -19.04 11.89 -8.21
N ASP A 444 -19.19 10.76 -7.56
CA ASP A 444 -20.45 10.44 -6.85
C ASP A 444 -20.76 11.52 -5.81
N GLU A 445 -19.76 12.26 -5.37
CA GLU A 445 -20.02 13.25 -4.35
C GLU A 445 -20.20 14.64 -4.94
N GLN A 446 -19.68 14.88 -6.14
CA GLN A 446 -20.06 16.07 -6.88
C GLN A 446 -21.52 16.01 -7.30
N ILE A 447 -21.93 14.88 -7.88
CA ILE A 447 -23.34 14.70 -8.24
C ILE A 447 -24.24 15.01 -7.05
N GLU A 448 -23.93 14.41 -5.92
CA GLU A 448 -24.74 14.63 -4.70
C GLU A 448 -24.80 16.11 -4.38
N HIS A 449 -23.67 16.81 -4.50
CA HIS A 449 -23.60 18.25 -4.19
C HIS A 449 -24.52 19.02 -5.12
N TRP A 450 -24.23 19.01 -6.42
CA TRP A 450 -25.05 19.75 -7.40
C TRP A 450 -26.53 19.35 -7.28
N LYS A 451 -26.85 18.07 -7.12
CA LYS A 451 -28.25 17.65 -6.94
C LYS A 451 -28.88 18.42 -5.78
N LYS A 452 -28.19 18.59 -4.65
CA LYS A 452 -28.77 19.44 -3.59
C LYS A 452 -28.98 20.84 -4.16
N ILE A 453 -28.01 21.36 -4.90
CA ILE A 453 -28.17 22.74 -5.43
C ILE A 453 -29.42 22.83 -6.28
N VAL A 454 -29.63 21.89 -7.19
CA VAL A 454 -30.86 22.07 -8.01
C VAL A 454 -32.10 21.86 -7.17
N LYS A 455 -32.06 21.01 -6.14
CA LYS A 455 -33.25 20.86 -5.27
C LYS A 455 -33.62 22.22 -4.70
N THR A 456 -32.67 23.01 -4.21
CA THR A 456 -33.00 24.35 -3.70
C THR A 456 -33.40 25.28 -4.85
N GLN A 457 -32.57 25.41 -5.88
CA GLN A 457 -32.88 26.33 -7.02
C GLN A 457 -34.27 26.02 -7.56
N GLU A 458 -34.59 24.75 -7.77
CA GLU A 458 -35.95 24.38 -8.23
C GLU A 458 -36.98 24.66 -7.12
N GLU A 459 -36.61 24.67 -5.85
CA GLU A 459 -37.61 25.03 -4.83
C GLU A 459 -37.65 26.55 -4.73
N LEU A 460 -36.61 27.22 -5.18
CA LEU A 460 -36.64 28.69 -5.14
C LEU A 460 -37.53 29.14 -6.28
N LYS A 461 -37.41 28.44 -7.41
CA LYS A 461 -38.22 28.76 -8.60
C LYS A 461 -39.68 28.82 -8.19
N GLU A 462 -40.19 27.76 -7.56
CA GLU A 462 -41.59 27.70 -7.14
C GLU A 462 -41.91 28.91 -6.28
N LEU A 463 -41.01 29.25 -5.39
CA LEU A 463 -41.26 30.38 -4.50
C LEU A 463 -41.47 31.64 -5.30
N LEU A 464 -40.58 31.94 -6.25
CA LEU A 464 -40.74 33.13 -7.08
C LEU A 464 -42.08 33.13 -7.81
N ASN A 465 -42.54 31.97 -8.30
CA ASN A 465 -43.84 31.90 -8.95
C ASN A 465 -44.95 32.39 -8.03
N LYS A 466 -44.96 31.97 -6.76
CA LYS A 466 -45.95 32.51 -5.85
C LYS A 466 -45.76 34.01 -5.64
N MET A 467 -44.51 34.47 -5.68
CA MET A 467 -44.29 35.90 -5.47
C MET A 467 -44.62 36.74 -6.70
N VAL A 468 -44.45 36.22 -7.91
CA VAL A 468 -44.82 37.02 -9.07
C VAL A 468 -46.30 36.85 -9.37
N ASN A 469 -47.00 36.02 -8.60
CA ASN A 469 -48.45 35.89 -8.70
C ASN A 469 -49.14 36.67 -7.62
N LEU A 470 -48.48 36.87 -6.47
CA LEU A 470 -49.05 37.74 -5.45
C LEU A 470 -48.87 39.19 -5.81
N LYS A 471 -47.76 39.54 -6.44
CA LYS A 471 -47.58 40.94 -6.82
C LYS A 471 -48.62 41.40 -7.84
N GLU A 472 -49.43 40.50 -8.40
CA GLU A 472 -50.48 40.92 -9.32
C GLU A 472 -51.87 40.74 -8.77
N LYS A 473 -52.07 39.82 -7.83
CA LYS A 473 -53.23 39.97 -6.97
C LYS A 473 -53.13 41.30 -6.22
N ILE A 474 -51.91 41.71 -5.86
CA ILE A 474 -51.71 42.98 -5.18
C ILE A 474 -51.89 44.15 -6.16
N LYS A 475 -51.34 44.02 -7.35
CA LYS A 475 -51.54 45.06 -8.36
C LYS A 475 -53.03 45.34 -8.56
N GLU A 476 -53.83 44.29 -8.72
CA GLU A 476 -55.24 44.46 -9.01
C GLU A 476 -56.03 44.91 -7.77
N LEU A 477 -55.70 44.39 -6.57
CA LEU A 477 -56.38 44.85 -5.37
C LEU A 477 -56.14 46.33 -5.12
N HIS A 478 -54.91 46.78 -5.35
CA HIS A 478 -54.61 48.18 -5.09
C HIS A 478 -55.40 49.08 -6.03
N GLN A 479 -55.37 48.77 -7.33
CA GLN A 479 -56.24 49.44 -8.29
C GLN A 479 -57.67 49.49 -7.78
N GLN A 480 -58.21 48.35 -7.37
CA GLN A 480 -59.59 48.29 -6.90
C GLN A 480 -59.82 49.18 -5.69
N TYR A 481 -58.80 49.37 -4.86
CA TYR A 481 -58.84 50.21 -3.67
C TYR A 481 -58.73 51.69 -3.94
N LYS A 482 -57.83 52.11 -4.82
CA LYS A 482 -57.85 53.51 -5.21
C LYS A 482 -59.20 53.88 -5.84
N GLU A 483 -59.76 53.01 -6.70
CA GLU A 483 -61.10 53.26 -7.23
C GLU A 483 -62.13 53.35 -6.12
N ALA A 484 -62.10 52.40 -5.20
CA ALA A 484 -63.12 52.47 -4.14
C ALA A 484 -62.81 53.64 -3.24
N SER A 485 -61.57 54.07 -3.21
CA SER A 485 -61.28 55.19 -2.29
C SER A 485 -61.44 56.50 -3.03
N GLU A 486 -61.60 56.44 -4.34
CA GLU A 486 -61.76 57.70 -5.10
C GLU A 486 -63.17 58.21 -4.84
N VAL A 487 -64.15 57.32 -4.66
CA VAL A 487 -65.53 57.77 -4.34
C VAL A 487 -65.45 58.62 -3.08
N LYS A 488 -65.37 59.94 -3.22
CA LYS A 488 -65.24 60.81 -2.03
C LYS A 488 -66.48 60.69 -1.17
N PRO A 489 -66.34 60.87 0.15
CA PRO A 489 -67.44 60.74 1.07
C PRO A 489 -68.33 61.96 0.94
N PRO A 490 -69.62 61.88 1.29
CA PRO A 490 -70.11 60.91 2.26
C PRO A 490 -70.64 59.71 1.49
N ARG A 491 -70.53 58.51 2.04
CA ARG A 491 -70.97 57.33 1.28
C ARG A 491 -71.79 56.40 2.14
N ASP A 492 -72.59 55.55 1.53
CA ASP A 492 -73.42 54.63 2.32
C ASP A 492 -72.55 53.47 2.80
N ILE A 493 -73.00 52.73 3.78
CA ILE A 493 -72.13 51.69 4.36
C ILE A 493 -71.64 50.63 3.35
N THR A 494 -72.39 50.27 2.33
CA THR A 494 -71.89 49.18 1.49
C THR A 494 -70.67 49.66 0.72
N ALA A 495 -70.55 50.97 0.59
CA ALA A 495 -69.40 51.57 -0.06
C ALA A 495 -68.28 51.89 0.93
N GLU A 496 -68.62 52.12 2.19
CA GLU A 496 -67.57 52.27 3.19
C GLU A 496 -66.99 50.92 3.54
N PHE A 497 -67.85 49.92 3.53
CA PHE A 497 -67.34 48.57 3.85
C PHE A 497 -66.42 48.18 2.72
N LEU A 498 -66.75 48.59 1.51
CA LEU A 498 -65.93 48.18 0.36
C LEU A 498 -64.53 48.74 0.55
N VAL A 499 -64.41 49.99 0.93
CA VAL A 499 -63.02 50.49 1.06
C VAL A 499 -62.35 49.75 2.19
N LYS A 500 -63.02 49.56 3.30
CA LYS A 500 -62.32 48.90 4.42
C LYS A 500 -61.98 47.47 4.04
N SER A 501 -62.90 46.78 3.37
CA SER A 501 -62.63 45.37 3.03
C SER A 501 -61.41 45.31 2.13
N LYS A 502 -61.33 46.16 1.11
CA LYS A 502 -60.17 46.09 0.20
C LYS A 502 -58.90 46.41 0.98
N HIS A 503 -59.03 47.33 1.90
CA HIS A 503 -57.83 47.71 2.70
C HIS A 503 -57.42 46.52 3.53
N ARG A 504 -58.36 45.78 4.06
CA ARG A 504 -57.93 44.63 4.89
C ARG A 504 -57.27 43.62 3.96
N ASP A 505 -58.01 43.18 2.95
CA ASP A 505 -57.53 42.17 1.97
C ASP A 505 -56.16 42.55 1.45
N LEU A 506 -55.94 43.78 1.03
CA LEU A 506 -54.61 44.12 0.53
C LEU A 506 -53.57 43.96 1.63
N THR A 507 -53.87 44.36 2.85
CA THR A 507 -52.84 44.23 3.90
C THR A 507 -52.45 42.77 4.07
N ALA A 508 -53.44 41.89 4.13
CA ALA A 508 -53.21 40.43 4.26
C ALA A 508 -52.22 40.00 3.19
N LEU A 509 -52.52 40.29 1.93
CA LEU A 509 -51.62 39.90 0.83
C LEU A 509 -50.25 40.52 1.05
N CYS A 510 -50.18 41.79 1.43
CA CYS A 510 -48.84 42.36 1.69
C CYS A 510 -48.13 41.62 2.82
N LYS A 511 -48.84 41.18 3.85
CA LYS A 511 -48.12 40.40 4.88
C LYS A 511 -47.58 39.16 4.17
N GLU A 512 -48.45 38.46 3.47
CA GLU A 512 -48.11 37.19 2.84
C GLU A 512 -46.88 37.31 1.94
N TYR A 513 -46.87 38.30 1.03
CA TYR A 513 -45.70 38.51 0.19
C TYR A 513 -44.48 38.90 1.01
N ASP A 514 -44.65 39.52 2.16
CA ASP A 514 -43.47 39.85 2.95
C ASP A 514 -42.85 38.59 3.55
N GLU A 515 -43.69 37.69 4.08
CA GLU A 515 -43.20 36.39 4.56
C GLU A 515 -42.59 35.55 3.45
N LEU A 516 -42.71 35.94 2.18
CA LEU A 516 -42.09 35.11 1.17
C LEU A 516 -40.81 35.71 0.63
N ALA A 517 -40.64 37.03 0.66
CA ALA A 517 -39.28 37.54 0.46
C ALA A 517 -38.43 37.33 1.70
N GLU A 518 -39.07 37.00 2.82
CA GLU A 518 -38.41 36.39 3.97
C GLU A 518 -37.77 35.06 3.57
N THR A 519 -38.60 34.12 3.10
CA THR A 519 -38.12 32.83 2.60
C THR A 519 -37.28 32.98 1.34
N GLN A 520 -37.62 33.93 0.47
CA GLN A 520 -36.79 34.14 -0.73
C GLN A 520 -35.39 34.58 -0.29
N GLY A 521 -35.25 34.87 0.99
CA GLY A 521 -33.96 35.34 1.51
C GLY A 521 -33.12 34.20 2.00
N LYS A 522 -33.70 33.31 2.79
CA LYS A 522 -32.95 32.16 3.35
C LYS A 522 -32.34 31.37 2.19
N LEU A 523 -33.18 30.88 1.28
CA LEU A 523 -32.73 30.07 0.13
C LEU A 523 -31.59 30.78 -0.59
N GLU A 524 -31.72 32.06 -0.90
CA GLU A 524 -30.63 32.82 -1.55
C GLU A 524 -29.36 32.70 -0.71
N GLU A 525 -29.45 32.82 0.61
CA GLU A 525 -28.23 32.64 1.44
C GLU A 525 -27.71 31.21 1.26
N LYS A 526 -28.56 30.20 1.44
CA LYS A 526 -28.16 28.77 1.31
C LYS A 526 -27.39 28.55 0.01
N LEU A 527 -27.91 29.02 -1.10
CA LEU A 527 -27.22 28.85 -2.39
C LEU A 527 -25.78 29.36 -2.38
N GLN A 528 -25.46 30.47 -1.73
CA GLN A 528 -24.03 30.84 -1.74
C GLN A 528 -23.29 29.88 -0.81
N GLU A 529 -23.94 29.41 0.25
CA GLU A 529 -23.25 28.42 1.10
C GLU A 529 -22.99 27.17 0.26
N LEU A 530 -24.03 26.57 -0.34
CA LEU A 530 -23.82 25.31 -1.06
C LEU A 530 -22.75 25.46 -2.12
N GLU A 531 -22.82 26.51 -2.94
CA GLU A 531 -21.78 26.66 -3.96
C GLU A 531 -20.42 26.93 -3.32
N ALA A 532 -20.46 27.75 -2.28
CA ALA A 532 -19.24 28.22 -1.59
C ALA A 532 -18.43 27.02 -1.10
N ASN A 533 -19.09 25.92 -0.82
CA ASN A 533 -18.38 24.73 -0.32
C ASN A 533 -18.51 23.61 -1.34
N PRO A 534 -17.85 23.68 -2.51
CA PRO A 534 -18.00 22.64 -3.50
C PRO A 534 -16.94 21.61 -3.14
N PRO A 535 -17.23 20.31 -3.26
CA PRO A 535 -16.25 19.28 -2.98
C PRO A 535 -15.24 19.15 -4.11
N SER A 536 -14.16 18.42 -3.85
CA SER A 536 -13.03 18.25 -4.80
C SER A 536 -13.50 17.88 -6.20
N ASP A 537 -12.83 18.44 -7.20
CA ASP A 537 -13.15 18.27 -8.64
C ASP A 537 -12.48 17.02 -9.18
N VAL A 538 -11.33 16.64 -8.63
CA VAL A 538 -10.55 15.47 -9.12
C VAL A 538 -10.01 14.69 -7.94
N TYR A 539 -9.78 13.39 -8.13
CA TYR A 539 -9.16 12.55 -7.07
C TYR A 539 -7.67 12.86 -7.13
N LEU A 540 -7.11 12.71 -8.32
CA LEU A 540 -5.70 13.00 -8.61
C LEU A 540 -5.62 13.47 -10.06
N SER A 541 -4.56 14.18 -10.39
CA SER A 541 -4.32 14.81 -11.71
C SER A 541 -2.95 14.40 -12.20
N SER A 542 -2.70 14.72 -13.47
CA SER A 542 -1.44 14.39 -14.16
C SER A 542 -0.25 14.77 -13.30
N ARG A 543 -0.40 15.77 -12.45
CA ARG A 543 0.75 15.99 -11.58
C ARG A 543 0.77 14.93 -10.49
N ASP A 544 -0.25 14.92 -9.63
CA ASP A 544 -0.47 13.94 -8.57
C ASP A 544 -0.15 12.55 -9.08
N ARG A 545 -0.89 12.13 -10.11
CA ARG A 545 -0.88 10.77 -10.62
C ARG A 545 0.52 10.32 -11.06
N GLN A 546 1.44 11.23 -11.34
CA GLN A 546 2.82 10.89 -11.66
C GLN A 546 3.73 10.77 -10.44
N ILE A 547 3.60 11.62 -9.44
CA ILE A 547 4.33 11.37 -8.20
C ILE A 547 3.86 10.06 -7.57
N LEU A 548 2.56 9.77 -7.73
CA LEU A 548 2.05 8.47 -7.30
C LEU A 548 2.70 7.36 -8.10
N ASP A 549 3.03 7.61 -9.37
CA ASP A 549 3.69 6.57 -10.13
C ASP A 549 5.09 6.30 -9.65
N TRP A 550 5.71 7.25 -8.97
CA TRP A 550 7.05 7.02 -8.46
C TRP A 550 7.01 6.17 -7.21
N HIS A 551 5.98 6.37 -6.40
CA HIS A 551 5.77 5.46 -5.28
C HIS A 551 5.39 4.06 -5.76
N PHE A 552 4.91 3.92 -6.98
CA PHE A 552 4.69 2.59 -7.51
C PHE A 552 5.97 2.03 -8.10
N ALA A 553 6.78 2.87 -8.74
CA ALA A 553 8.12 2.40 -9.09
C ALA A 553 8.89 2.01 -7.84
N ASN A 554 8.52 2.57 -6.71
CA ASN A 554 9.27 2.15 -5.50
C ASN A 554 8.92 0.70 -5.23
N LEU A 555 7.64 0.40 -5.14
CA LEU A 555 7.15 -0.96 -4.89
C LEU A 555 7.77 -1.90 -5.89
N GLU A 556 7.68 -1.57 -7.18
CA GLU A 556 8.25 -2.40 -8.25
C GLU A 556 9.71 -2.68 -7.98
N PHE A 557 10.49 -1.68 -7.60
CA PHE A 557 11.90 -1.96 -7.31
C PHE A 557 12.01 -2.87 -6.10
N ALA A 558 11.17 -2.68 -5.10
CA ALA A 558 11.28 -3.54 -3.91
C ALA A 558 11.02 -4.98 -4.29
N ASN A 559 10.01 -5.24 -5.10
CA ASN A 559 9.72 -6.64 -5.41
C ASN A 559 10.32 -7.04 -6.73
N ALA A 560 11.13 -6.19 -7.31
CA ALA A 560 11.79 -6.50 -8.58
C ALA A 560 10.82 -7.05 -9.64
N THR A 561 9.68 -6.35 -9.83
CA THR A 561 8.68 -6.81 -10.78
C THR A 561 7.52 -5.82 -10.94
N PRO A 562 6.98 -5.68 -12.18
CA PRO A 562 5.66 -5.08 -12.38
C PRO A 562 4.59 -5.42 -11.35
N LEU A 563 3.93 -4.42 -10.78
CA LEU A 563 2.91 -4.72 -9.78
C LEU A 563 1.81 -5.63 -10.34
N SER A 564 1.81 -5.89 -11.63
CA SER A 564 0.78 -6.71 -12.23
C SER A 564 1.05 -8.18 -12.02
N THR A 565 2.27 -8.53 -11.61
CA THR A 565 2.69 -9.90 -11.44
C THR A 565 2.70 -10.35 -9.98
N LEU A 566 2.78 -9.42 -9.02
CA LEU A 566 2.74 -9.78 -7.60
C LEU A 566 1.39 -10.38 -7.22
N SER A 567 1.40 -11.22 -6.19
CA SER A 567 0.14 -11.79 -5.70
C SER A 567 -0.51 -10.77 -4.79
N LEU A 568 -1.78 -10.45 -5.03
CA LEU A 568 -2.46 -9.56 -4.11
C LEU A 568 -2.45 -10.11 -2.70
N LYS A 569 -2.94 -11.34 -2.53
CA LYS A 569 -3.00 -11.93 -1.19
C LYS A 569 -1.64 -12.01 -0.52
N HIS A 570 -0.59 -12.39 -1.26
CA HIS A 570 0.62 -12.90 -0.64
C HIS A 570 1.90 -12.09 -0.83
N TRP A 571 1.88 -11.02 -1.60
CA TRP A 571 3.13 -10.34 -1.93
C TRP A 571 3.89 -9.87 -0.69
N ASP A 572 3.21 -9.62 0.42
CA ASP A 572 3.90 -9.08 1.60
C ASP A 572 3.96 -10.08 2.73
N GLN A 573 3.74 -11.36 2.43
CA GLN A 573 3.68 -12.40 3.46
C GLN A 573 4.93 -12.43 4.36
N ASP A 574 6.09 -12.11 3.82
CA ASP A 574 7.32 -12.15 4.60
C ASP A 574 7.53 -10.94 5.51
N ASP A 575 6.55 -10.02 5.63
CA ASP A 575 6.76 -8.74 6.32
C ASP A 575 6.64 -8.85 7.84
N ASP A 576 6.12 -9.96 8.37
CA ASP A 576 6.10 -10.12 9.82
C ASP A 576 7.51 -10.24 10.38
N PHE A 577 8.45 -10.69 9.57
CA PHE A 577 9.78 -11.05 10.03
C PHE A 577 10.82 -10.00 9.73
N GLU A 578 10.38 -8.79 9.35
CA GLU A 578 11.30 -7.68 9.12
C GLU A 578 12.24 -7.51 10.32
N PHE A 579 13.47 -7.08 10.06
CA PHE A 579 14.35 -6.80 11.18
C PHE A 579 14.09 -5.40 11.74
N THR A 580 14.55 -5.19 12.97
CA THR A 580 14.49 -3.88 13.59
C THR A 580 15.81 -3.15 13.37
N GLY A 581 15.77 -1.84 13.48
CA GLY A 581 16.98 -1.04 13.36
C GLY A 581 17.14 -0.47 11.97
N SER A 582 18.16 0.36 11.85
CA SER A 582 18.31 1.16 10.64
C SER A 582 18.74 0.27 9.50
N HIS A 583 18.57 0.74 8.28
CA HIS A 583 19.05 0.05 7.10
C HIS A 583 20.46 0.54 6.79
N LEU A 584 21.33 -0.37 6.33
CA LEU A 584 22.76 -0.09 6.31
C LEU A 584 23.33 -0.32 4.92
N THR A 585 24.49 0.25 4.65
CA THR A 585 25.27 -0.06 3.45
C THR A 585 26.66 -0.52 3.84
N VAL A 586 27.37 -1.04 2.85
CA VAL A 586 28.70 -1.61 3.06
C VAL A 586 29.66 -0.74 2.28
N ARG A 587 30.35 0.13 2.99
CA ARG A 587 31.22 1.09 2.30
C ARG A 587 32.33 0.38 1.53
N ASN A 588 32.73 -0.81 1.94
CA ASN A 588 33.85 -1.45 1.20
C ASN A 588 33.29 -2.47 0.23
N GLY A 589 31.97 -2.46 0.00
CA GLY A 589 31.41 -3.39 -0.97
C GLY A 589 30.91 -4.66 -0.31
N TYR A 590 29.78 -5.17 -0.74
CA TYR A 590 29.24 -6.38 -0.07
C TYR A 590 30.06 -7.62 -0.40
N SER A 591 30.80 -7.62 -1.51
CA SER A 591 31.65 -8.75 -1.93
C SER A 591 32.50 -9.27 -0.77
N CYS A 592 33.19 -8.38 -0.09
CA CYS A 592 34.08 -8.74 1.04
C CYS A 592 33.47 -9.79 1.97
N VAL A 593 32.15 -9.97 1.95
CA VAL A 593 31.55 -11.04 2.77
C VAL A 593 31.66 -12.41 2.13
N PRO A 594 31.20 -12.63 0.89
CA PRO A 594 31.48 -13.92 0.25
C PRO A 594 32.95 -14.25 0.24
N VAL A 595 33.77 -13.31 -0.23
CA VAL A 595 35.21 -13.55 -0.25
C VAL A 595 35.69 -14.05 1.11
N ALA A 596 35.27 -13.36 2.17
CA ALA A 596 35.63 -13.81 3.51
C ALA A 596 35.19 -15.25 3.74
N LEU A 597 33.94 -15.56 3.41
CA LEU A 597 33.43 -16.90 3.63
C LEU A 597 34.16 -17.94 2.80
N ALA A 598 34.65 -17.55 1.64
CA ALA A 598 35.27 -18.52 0.76
C ALA A 598 36.61 -19.07 1.27
N GLU A 599 37.21 -18.53 2.34
CA GLU A 599 38.59 -18.95 2.62
C GLU A 599 38.53 -20.32 3.30
N GLY A 600 39.42 -21.21 2.89
CA GLY A 600 39.44 -22.54 3.43
C GLY A 600 38.63 -23.55 2.65
N LEU A 601 38.05 -23.17 1.53
CA LEU A 601 37.05 -23.98 0.86
C LEU A 601 37.50 -24.38 -0.55
N ASP A 602 37.17 -25.62 -0.91
CA ASP A 602 37.55 -26.16 -2.22
C ASP A 602 36.56 -25.64 -3.26
N ILE A 603 36.95 -24.59 -3.98
CA ILE A 603 36.07 -23.97 -4.94
C ILE A 603 36.64 -24.16 -6.33
N LYS A 604 35.85 -24.77 -7.21
CA LYS A 604 36.19 -24.90 -8.63
C LYS A 604 35.46 -23.79 -9.37
N LEU A 605 36.20 -22.79 -9.82
CA LEU A 605 35.63 -21.65 -10.55
C LEU A 605 35.64 -21.97 -12.03
N ASN A 606 34.74 -21.34 -12.76
CA ASN A 606 34.63 -21.53 -14.22
C ASN A 606 34.17 -22.92 -14.56
N THR A 607 33.36 -23.49 -13.69
CA THR A 607 32.87 -24.86 -13.90
C THR A 607 31.36 -24.80 -13.99
N ALA A 608 30.80 -25.01 -15.16
CA ALA A 608 29.34 -24.88 -15.26
C ALA A 608 28.70 -26.25 -15.14
N VAL A 609 27.78 -26.42 -14.23
CA VAL A 609 27.16 -27.76 -14.16
C VAL A 609 26.25 -27.90 -15.36
N ARG A 610 26.29 -29.01 -16.07
CA ARG A 610 25.39 -29.18 -17.23
C ARG A 610 24.39 -30.27 -16.88
N GLN A 611 24.67 -31.11 -15.91
CA GLN A 611 23.71 -32.20 -15.63
C GLN A 611 23.89 -32.75 -14.24
N VAL A 612 22.81 -33.09 -13.57
CA VAL A 612 22.90 -33.68 -12.21
C VAL A 612 22.17 -35.02 -12.23
N ARG A 613 22.88 -36.10 -11.86
CA ARG A 613 22.31 -37.46 -11.86
C ARG A 613 22.31 -37.91 -10.42
N TYR A 614 21.16 -38.27 -9.87
CA TYR A 614 21.11 -38.71 -8.46
C TYR A 614 20.44 -40.06 -8.44
N THR A 615 21.06 -41.01 -7.76
CA THR A 615 20.46 -42.36 -7.69
C THR A 615 20.51 -42.86 -6.27
N ALA A 616 20.02 -44.07 -6.03
CA ALA A 616 19.99 -44.59 -4.66
C ALA A 616 21.37 -44.80 -4.10
N SER A 617 22.35 -45.14 -4.92
CA SER A 617 23.70 -45.42 -4.43
C SER A 617 24.49 -44.13 -4.34
N GLY A 618 23.98 -43.05 -4.91
CA GLY A 618 24.76 -41.81 -4.85
C GLY A 618 24.50 -40.95 -6.05
N CYS A 619 25.28 -39.88 -6.22
CA CYS A 619 25.05 -38.99 -7.37
C CYS A 619 26.34 -38.68 -8.08
N GLU A 620 26.21 -38.17 -9.29
CA GLU A 620 27.37 -37.72 -10.08
C GLU A 620 26.95 -36.44 -10.78
N VAL A 621 27.78 -35.41 -10.70
CA VAL A 621 27.44 -34.12 -11.35
C VAL A 621 28.35 -33.98 -12.55
N ILE A 622 27.80 -33.58 -13.67
CA ILE A 622 28.57 -33.35 -14.89
C ILE A 622 28.67 -31.86 -15.15
N ALA A 623 29.90 -31.35 -15.16
CA ALA A 623 30.19 -29.95 -15.40
C ALA A 623 31.16 -29.80 -16.57
N VAL A 624 31.23 -28.60 -17.15
CA VAL A 624 32.19 -28.28 -18.19
C VAL A 624 33.04 -27.07 -17.76
N ASN A 625 34.05 -26.76 -18.56
CA ASN A 625 34.82 -25.53 -18.39
C ASN A 625 34.16 -24.40 -19.15
N THR A 626 33.87 -23.30 -18.45
CA THR A 626 33.18 -22.20 -19.11
C THR A 626 34.03 -21.59 -20.20
N ARG A 627 35.35 -21.62 -20.04
CA ARG A 627 36.27 -21.00 -20.98
C ARG A 627 36.33 -21.81 -22.27
N SER A 628 36.78 -23.05 -22.12
CA SER A 628 36.80 -24.06 -23.21
C SER A 628 35.74 -25.09 -22.86
N THR A 629 34.58 -25.04 -23.52
CA THR A 629 33.41 -25.90 -23.23
C THR A 629 33.70 -27.39 -23.48
N SER A 630 34.64 -27.74 -24.33
CA SER A 630 34.89 -29.17 -24.60
C SER A 630 35.33 -29.92 -23.34
N GLN A 631 36.21 -29.35 -22.51
CA GLN A 631 36.70 -30.11 -21.32
C GLN A 631 35.51 -30.46 -20.45
N THR A 632 35.43 -31.69 -19.98
CA THR A 632 34.25 -32.15 -19.21
C THR A 632 34.70 -32.70 -17.86
N PHE A 633 33.94 -32.43 -16.82
CA PHE A 633 34.27 -32.92 -15.48
C PHE A 633 33.14 -33.77 -14.94
N ILE A 634 33.51 -34.80 -14.18
CA ILE A 634 32.54 -35.59 -13.44
C ILE A 634 32.93 -35.66 -11.97
N TYR A 635 31.95 -35.34 -11.12
CA TYR A 635 32.07 -35.35 -9.68
C TYR A 635 31.06 -36.34 -9.12
N LYS A 636 31.54 -37.35 -8.40
CA LYS A 636 30.70 -38.32 -7.73
C LYS A 636 30.61 -37.92 -6.26
N CYS A 637 29.42 -38.08 -5.67
CA CYS A 637 29.23 -37.60 -4.30
C CYS A 637 28.03 -38.28 -3.65
N ASP A 638 28.00 -38.21 -2.31
CA ASP A 638 26.87 -38.77 -1.58
C ASP A 638 25.58 -37.96 -1.77
N ALA A 639 25.69 -36.66 -2.00
CA ALA A 639 24.56 -35.75 -2.08
C ALA A 639 24.98 -34.45 -2.75
N VAL A 640 24.05 -33.88 -3.52
CA VAL A 640 24.22 -32.58 -4.17
C VAL A 640 23.36 -31.53 -3.45
N LEU A 641 24.00 -30.44 -3.05
CA LEU A 641 23.33 -29.25 -2.56
C LEU A 641 23.23 -28.28 -3.72
N CYS A 642 22.01 -28.00 -4.17
CA CYS A 642 21.75 -27.14 -5.30
C CYS A 642 21.42 -25.70 -4.85
N THR A 643 22.29 -24.74 -5.16
CA THR A 643 21.95 -23.34 -4.89
C THR A 643 21.75 -22.55 -6.18
N LEU A 644 21.40 -23.24 -7.26
CA LEU A 644 21.17 -22.59 -8.53
C LEU A 644 20.04 -21.58 -8.37
N PRO A 645 20.18 -20.37 -8.93
CA PRO A 645 19.11 -19.37 -8.91
C PRO A 645 17.80 -19.85 -9.51
N LEU A 646 16.70 -19.30 -8.99
CA LEU A 646 15.40 -19.68 -9.51
C LEU A 646 15.27 -19.36 -10.99
N GLY A 647 16.05 -18.38 -11.48
CA GLY A 647 15.91 -18.00 -12.87
C GLY A 647 16.54 -19.04 -13.75
N VAL A 648 17.70 -19.51 -13.29
CA VAL A 648 18.38 -20.68 -13.83
C VAL A 648 17.46 -21.89 -13.83
N LEU A 649 16.86 -22.19 -12.68
CA LEU A 649 15.99 -23.35 -12.59
C LEU A 649 14.81 -23.23 -13.52
N LYS A 650 14.44 -22.00 -13.88
CA LYS A 650 13.24 -21.77 -14.64
C LYS A 650 13.49 -21.91 -16.12
N GLN A 651 14.78 -21.86 -16.50
CA GLN A 651 15.21 -21.71 -17.88
C GLN A 651 14.60 -22.77 -18.77
N GLN A 652 14.11 -22.34 -19.93
CA GLN A 652 13.62 -23.23 -20.99
C GLN A 652 14.24 -22.76 -22.31
N PRO A 653 15.01 -23.63 -23.00
CA PRO A 653 15.22 -25.02 -22.57
C PRO A 653 16.30 -25.15 -21.49
N PRO A 654 16.28 -26.27 -20.74
CA PRO A 654 17.00 -26.35 -19.47
C PRO A 654 18.50 -26.14 -19.60
N ALA A 655 19.06 -25.27 -18.76
CA ALA A 655 20.51 -25.10 -18.69
C ALA A 655 21.18 -26.20 -17.88
N VAL A 656 20.39 -26.89 -17.03
CA VAL A 656 20.87 -28.01 -16.22
C VAL A 656 19.80 -29.08 -16.29
N GLN A 657 20.22 -30.28 -16.69
CA GLN A 657 19.34 -31.42 -16.79
C GLN A 657 19.42 -32.23 -15.51
N PHE A 658 18.26 -32.58 -14.96
CA PHE A 658 18.18 -33.44 -13.80
C PHE A 658 17.86 -34.86 -14.25
N VAL A 659 18.63 -35.82 -13.75
CA VAL A 659 18.43 -37.23 -14.11
C VAL A 659 18.32 -38.03 -12.83
N PRO A 660 17.12 -38.54 -12.48
CA PRO A 660 15.91 -38.37 -13.30
C PRO A 660 15.31 -36.98 -13.16
N PRO A 661 14.34 -36.64 -14.03
CA PRO A 661 13.73 -35.31 -13.94
C PRO A 661 13.23 -35.01 -12.54
N LEU A 662 13.27 -33.74 -12.18
CA LEU A 662 12.61 -33.29 -10.95
C LEU A 662 11.13 -33.64 -10.99
N PRO A 663 10.56 -34.09 -9.87
CA PRO A 663 9.14 -34.48 -9.85
C PRO A 663 8.25 -33.30 -10.18
N GLU A 664 7.02 -33.60 -10.62
CA GLU A 664 6.12 -32.53 -11.03
C GLU A 664 5.90 -31.51 -9.91
N TRP A 665 5.60 -31.97 -8.69
CA TRP A 665 5.38 -31.04 -7.59
C TRP A 665 6.49 -30.01 -7.43
N LYS A 666 7.74 -30.37 -7.74
CA LYS A 666 8.83 -29.41 -7.67
C LYS A 666 8.85 -28.49 -8.87
N THR A 667 8.69 -29.03 -10.07
CA THR A 667 8.77 -28.21 -11.27
C THR A 667 7.56 -27.29 -11.40
N SER A 668 6.43 -27.60 -10.76
CA SER A 668 5.32 -26.66 -10.82
C SER A 668 5.51 -25.52 -9.85
N ALA A 669 6.08 -25.81 -8.69
CA ALA A 669 6.53 -24.72 -7.82
C ALA A 669 7.46 -23.79 -8.57
N VAL A 670 8.26 -24.30 -9.49
CA VAL A 670 9.23 -23.45 -10.15
C VAL A 670 8.53 -22.56 -11.16
N GLN A 671 7.62 -23.12 -11.95
CA GLN A 671 6.82 -22.29 -12.85
C GLN A 671 6.00 -21.25 -12.08
N ARG A 672 5.16 -21.75 -11.21
CA ARG A 672 4.23 -20.92 -10.41
C ARG A 672 4.97 -19.76 -9.79
N MET A 673 6.20 -19.95 -9.38
CA MET A 673 6.89 -18.86 -8.66
C MET A 673 7.29 -17.69 -9.55
N GLY A 674 7.81 -16.67 -8.92
CA GLY A 674 8.18 -15.51 -9.70
C GLY A 674 9.62 -15.16 -9.48
N PHE A 675 10.31 -14.88 -10.56
CA PHE A 675 11.71 -14.49 -10.50
C PHE A 675 11.77 -13.23 -11.32
N GLY A 676 11.94 -12.12 -10.60
CA GLY A 676 11.89 -10.76 -11.12
C GLY A 676 13.20 -10.24 -11.58
N ASN A 677 13.34 -8.93 -11.63
CA ASN A 677 14.56 -8.34 -12.20
C ASN A 677 14.61 -6.84 -11.93
N LEU A 678 15.77 -6.31 -11.62
CA LEU A 678 15.93 -4.87 -11.43
C LEU A 678 17.41 -4.63 -11.59
N ASN A 679 17.85 -3.86 -12.59
CA ASN A 679 19.29 -3.62 -12.81
C ASN A 679 19.70 -2.29 -12.20
N LYS A 680 20.99 -1.98 -12.22
CA LYS A 680 21.48 -0.70 -11.67
C LYS A 680 22.44 -0.07 -12.67
N VAL A 681 22.72 1.21 -12.50
CA VAL A 681 23.67 1.95 -13.34
C VAL A 681 24.58 2.72 -12.40
N VAL A 682 25.88 2.51 -12.51
CA VAL A 682 26.82 3.11 -11.57
C VAL A 682 27.60 4.20 -12.29
N LEU A 683 27.63 5.39 -11.67
CA LEU A 683 28.14 6.63 -12.22
C LEU A 683 29.28 7.10 -11.33
N CYS A 684 30.50 7.03 -11.86
CA CYS A 684 31.70 7.43 -11.16
C CYS A 684 32.18 8.77 -11.69
N PHE A 685 32.26 9.75 -10.80
CA PHE A 685 32.67 11.09 -11.17
C PHE A 685 33.97 11.42 -10.47
N ASP A 686 34.56 12.51 -10.92
CA ASP A 686 35.73 13.12 -10.29
C ASP A 686 35.38 14.06 -9.12
N ARG A 687 34.13 14.51 -8.99
CA ARG A 687 33.77 15.45 -7.92
C ARG A 687 32.31 15.33 -7.52
N VAL A 688 32.04 15.62 -6.26
CA VAL A 688 30.69 15.63 -5.70
C VAL A 688 29.95 16.90 -6.13
N PHE A 689 28.80 16.73 -6.81
CA PHE A 689 27.97 17.84 -7.22
C PHE A 689 26.53 17.69 -6.75
N TRP A 690 26.24 16.74 -5.90
CA TRP A 690 24.92 16.51 -5.32
C TRP A 690 24.99 16.88 -3.85
N ASP A 691 23.83 16.91 -3.22
CA ASP A 691 23.84 17.22 -1.81
C ASP A 691 24.51 16.08 -1.04
N PRO A 692 25.70 16.28 -0.47
CA PRO A 692 26.44 15.16 0.13
C PRO A 692 25.85 14.65 1.43
N SER A 693 24.83 15.29 1.98
CA SER A 693 24.21 14.83 3.21
C SER A 693 22.85 14.19 2.96
N VAL A 694 22.43 14.11 1.70
CA VAL A 694 21.34 13.27 1.26
C VAL A 694 21.93 12.03 0.60
N ASN A 695 21.52 10.85 1.05
CA ASN A 695 22.04 9.62 0.46
C ASN A 695 21.35 9.27 -0.84
N LEU A 696 20.06 9.59 -0.97
CA LEU A 696 19.26 9.05 -2.05
C LEU A 696 18.17 10.05 -2.43
N PHE A 697 17.94 10.19 -3.74
CA PHE A 697 16.94 11.14 -4.22
C PHE A 697 16.24 10.60 -5.46
N GLY A 698 14.93 10.81 -5.54
CA GLY A 698 14.16 10.30 -6.65
C GLY A 698 14.24 11.17 -7.90
N HIS A 699 13.78 10.59 -9.02
CA HIS A 699 13.44 11.32 -10.23
C HIS A 699 12.06 10.85 -10.65
N VAL A 700 11.13 11.79 -10.83
CA VAL A 700 9.76 11.41 -11.14
C VAL A 700 9.65 11.30 -12.65
N GLY A 701 9.18 10.14 -13.10
CA GLY A 701 9.17 9.86 -14.52
C GLY A 701 8.06 10.60 -15.22
N SER A 702 8.05 10.46 -16.55
CA SER A 702 7.08 11.16 -17.38
C SER A 702 5.81 10.37 -17.61
N THR A 703 5.89 9.04 -17.57
CA THR A 703 4.77 8.20 -17.98
C THR A 703 4.54 7.18 -16.89
N THR A 704 3.36 6.56 -16.87
CA THR A 704 3.26 5.37 -16.02
C THR A 704 4.20 4.30 -16.56
N ALA A 705 4.31 4.19 -17.90
CA ALA A 705 5.09 3.10 -18.51
C ALA A 705 6.56 3.19 -18.15
N SER A 706 7.10 4.39 -17.98
CA SER A 706 8.50 4.52 -17.63
C SER A 706 8.68 4.88 -16.17
N ARG A 707 7.70 4.55 -15.31
CA ARG A 707 7.82 4.99 -13.92
C ARG A 707 9.11 4.47 -13.29
N GLY A 708 9.63 3.33 -13.77
CA GLY A 708 10.80 2.71 -13.19
C GLY A 708 12.13 3.12 -13.78
N GLU A 709 12.12 3.79 -14.91
CA GLU A 709 13.32 4.05 -15.69
C GLU A 709 14.16 5.14 -15.03
N LEU A 710 15.18 4.74 -14.29
CA LEU A 710 16.09 5.64 -13.60
C LEU A 710 15.40 6.49 -12.54
N PHE A 711 14.47 5.89 -11.83
CA PHE A 711 13.65 6.66 -10.89
C PHE A 711 14.32 6.85 -9.53
N LEU A 712 15.58 6.50 -9.32
CA LEU A 712 16.14 6.70 -7.97
C LEU A 712 17.65 6.68 -8.02
N PHE A 713 18.32 7.62 -7.38
CA PHE A 713 19.79 7.68 -7.38
C PHE A 713 20.28 7.54 -5.94
N TRP A 714 21.36 6.80 -5.73
CA TRP A 714 21.88 6.57 -4.35
C TRP A 714 23.26 7.19 -4.21
N ASN A 715 23.47 7.94 -3.13
CA ASN A 715 24.81 8.48 -2.82
C ASN A 715 25.21 7.72 -1.57
N LEU A 716 26.02 6.67 -1.71
CA LEU A 716 26.28 5.79 -0.58
C LEU A 716 27.73 5.72 -0.20
N TYR A 717 28.63 6.14 -1.07
CA TYR A 717 30.01 5.70 -1.00
C TYR A 717 30.95 6.85 -0.64
N LYS A 718 32.10 6.44 -0.12
CA LYS A 718 33.20 7.39 0.13
C LYS A 718 33.54 8.16 -1.13
N ALA A 719 33.95 7.44 -2.17
CA ALA A 719 34.25 8.06 -3.45
C ALA A 719 33.01 8.75 -4.04
N PRO A 720 33.24 9.65 -5.00
CA PRO A 720 32.11 10.26 -5.73
C PRO A 720 31.42 9.31 -6.68
N ILE A 721 30.52 8.48 -6.17
CA ILE A 721 29.76 7.57 -7.00
C ILE A 721 28.28 7.81 -6.75
N LEU A 722 27.54 7.95 -7.85
CA LEU A 722 26.09 7.96 -7.83
C LEU A 722 25.58 6.68 -8.49
N LEU A 723 24.54 6.12 -7.92
CA LEU A 723 24.04 4.83 -8.36
C LEU A 723 22.57 4.96 -8.70
N ALA A 724 22.18 4.51 -9.90
CA ALA A 724 20.84 4.72 -10.44
C ALA A 724 20.10 3.40 -10.64
N LEU A 725 18.83 3.36 -10.22
CA LEU A 725 18.02 2.13 -10.29
C LEU A 725 17.14 2.10 -11.53
N VAL A 726 17.02 0.93 -12.15
CA VAL A 726 16.07 0.71 -13.23
C VAL A 726 15.13 -0.40 -12.81
N ALA A 727 13.88 -0.06 -12.52
CA ALA A 727 12.97 -1.02 -11.90
C ALA A 727 11.76 -1.28 -12.77
N GLY A 728 10.85 -2.09 -12.25
CA GLY A 728 9.55 -2.27 -12.87
C GLY A 728 9.67 -2.80 -14.28
N GLU A 729 8.67 -2.47 -15.09
CA GLU A 729 8.68 -2.88 -16.49
C GLU A 729 9.88 -2.32 -17.24
N ALA A 730 10.44 -1.22 -16.75
CA ALA A 730 11.58 -0.59 -17.43
C ALA A 730 12.82 -1.46 -17.38
N ALA A 731 13.01 -2.21 -16.28
CA ALA A 731 14.24 -3.00 -16.10
C ALA A 731 14.45 -3.98 -17.23
N GLY A 732 13.40 -4.72 -17.59
CA GLY A 732 13.49 -5.68 -18.67
C GLY A 732 13.90 -5.07 -19.99
N ILE A 733 13.44 -3.84 -20.26
CA ILE A 733 13.59 -3.18 -21.56
C ILE A 733 14.91 -2.42 -21.67
N MET A 734 15.33 -1.72 -20.61
CA MET A 734 16.63 -1.05 -20.60
C MET A 734 17.77 -2.01 -20.87
N GLU A 735 17.53 -3.31 -20.81
CA GLU A 735 18.57 -4.29 -21.13
C GLU A 735 18.82 -4.42 -22.62
N ASN A 736 17.88 -3.96 -23.45
CA ASN A 736 18.07 -3.93 -24.90
C ASN A 736 18.63 -2.61 -25.38
N ILE A 737 19.40 -1.90 -24.57
CA ILE A 737 19.85 -0.55 -24.86
C ILE A 737 21.30 -0.43 -24.43
N SER A 738 22.11 0.16 -25.30
CA SER A 738 23.56 0.36 -25.07
C SER A 738 23.78 1.19 -23.81
N ASP A 739 24.88 0.90 -23.13
CA ASP A 739 25.24 1.63 -21.88
C ASP A 739 25.26 3.12 -22.16
N ASP A 740 25.96 3.52 -23.22
CA ASP A 740 26.10 4.93 -23.64
C ASP A 740 24.73 5.58 -23.64
N VAL A 741 23.79 5.00 -24.35
CA VAL A 741 22.40 5.55 -24.35
C VAL A 741 21.88 5.61 -22.92
N ILE A 742 22.05 4.54 -22.14
CA ILE A 742 21.53 4.59 -20.75
C ILE A 742 22.23 5.70 -19.99
N VAL A 743 23.54 5.82 -20.15
CA VAL A 743 24.22 6.90 -19.38
C VAL A 743 23.72 8.26 -19.86
N GLY A 744 23.47 8.42 -21.16
CA GLY A 744 22.92 9.69 -21.65
C GLY A 744 21.68 10.04 -20.86
N ARG A 745 20.73 9.12 -20.80
CA ARG A 745 19.48 9.39 -20.08
C ARG A 745 19.81 9.75 -18.64
N CYS A 746 20.76 9.06 -18.05
CA CYS A 746 21.12 9.42 -16.66
C CYS A 746 21.68 10.82 -16.62
N LEU A 747 22.56 11.14 -17.56
CA LEU A 747 23.16 12.48 -17.52
C LEU A 747 22.08 13.54 -17.71
N ALA A 748 21.18 13.29 -18.64
CA ALA A 748 20.10 14.25 -18.89
C ALA A 748 19.30 14.42 -17.60
N ILE A 749 18.95 13.32 -16.95
CA ILE A 749 18.14 13.46 -15.71
C ILE A 749 18.95 14.22 -14.69
N LEU A 750 20.22 13.89 -14.54
CA LEU A 750 21.02 14.59 -13.51
C LEU A 750 21.14 16.07 -13.85
N LYS A 751 21.33 16.39 -15.11
CA LYS A 751 21.56 17.81 -15.47
C LYS A 751 20.35 18.63 -15.05
N GLY A 752 19.15 18.15 -15.34
CA GLY A 752 17.95 18.88 -14.94
C GLY A 752 17.95 19.12 -13.45
N ILE A 753 18.44 18.18 -12.66
CA ILE A 753 18.34 18.45 -11.22
C ILE A 753 19.32 19.54 -10.83
N PHE A 754 20.56 19.43 -11.26
CA PHE A 754 21.64 20.26 -10.73
C PHE A 754 22.16 21.26 -11.73
N GLY A 755 21.52 21.38 -12.89
CA GLY A 755 21.99 22.30 -13.90
C GLY A 755 22.95 21.65 -14.88
N SER A 756 22.85 22.06 -16.15
CA SER A 756 23.58 21.48 -17.26
C SER A 756 25.10 21.66 -17.15
N SER A 757 25.59 22.30 -16.10
CA SER A 757 26.99 22.63 -15.99
C SER A 757 27.64 22.16 -14.70
N ALA A 758 26.87 21.79 -13.68
CA ALA A 758 27.42 21.17 -12.48
C ALA A 758 27.70 19.66 -12.66
N VAL A 759 27.16 19.05 -13.71
CA VAL A 759 27.14 17.60 -13.92
C VAL A 759 28.21 17.22 -14.94
N PRO A 760 29.41 16.78 -14.50
CA PRO A 760 30.50 16.50 -15.44
C PRO A 760 30.29 15.25 -16.28
N GLN A 761 31.32 14.87 -17.03
CA GLN A 761 31.27 13.55 -17.66
C GLN A 761 31.70 12.48 -16.65
N PRO A 762 31.07 11.30 -16.68
CA PRO A 762 31.43 10.25 -15.71
C PRO A 762 32.72 9.54 -16.12
N LYS A 763 33.63 9.42 -15.15
CA LYS A 763 34.93 8.81 -15.45
C LYS A 763 34.79 7.33 -15.80
N GLU A 764 34.01 6.59 -14.99
CA GLU A 764 33.76 5.17 -15.17
C GLU A 764 32.25 4.90 -15.09
N THR A 765 31.74 4.09 -16.04
CA THR A 765 30.32 3.77 -16.11
C THR A 765 30.14 2.26 -16.19
N VAL A 766 29.18 1.73 -15.42
CA VAL A 766 28.76 0.33 -15.50
C VAL A 766 27.25 0.23 -15.38
N VAL A 767 26.66 -0.47 -16.31
CA VAL A 767 25.22 -0.86 -16.24
C VAL A 767 25.28 -2.36 -16.42
N SER A 768 24.50 -3.14 -15.70
CA SER A 768 24.75 -4.59 -15.89
C SER A 768 23.84 -5.22 -16.94
N ARG A 769 23.05 -6.18 -16.41
CA ARG A 769 22.03 -7.03 -17.06
C ARG A 769 21.75 -8.28 -16.23
N TRP A 770 20.94 -8.25 -15.18
CA TRP A 770 20.75 -9.49 -14.46
C TRP A 770 19.85 -10.46 -15.21
N ARG A 771 18.83 -9.97 -15.91
CA ARG A 771 17.99 -10.93 -16.60
C ARG A 771 18.76 -11.61 -17.73
N ALA A 772 19.80 -10.95 -18.23
CA ALA A 772 20.56 -11.52 -19.33
C ALA A 772 21.69 -12.40 -18.84
N ASP A 773 22.24 -12.09 -17.67
CA ASP A 773 23.21 -12.94 -17.01
C ASP A 773 22.70 -14.37 -16.94
N PRO A 774 23.37 -15.31 -17.62
CA PRO A 774 22.89 -16.70 -17.65
C PRO A 774 23.14 -17.48 -16.36
N TRP A 775 23.94 -16.99 -15.42
CA TRP A 775 24.08 -17.58 -14.09
C TRP A 775 23.15 -16.95 -13.05
N ALA A 776 22.15 -16.17 -13.50
CA ALA A 776 21.18 -15.52 -12.64
C ALA A 776 19.83 -15.56 -13.32
N ARG A 777 19.73 -15.02 -14.54
CA ARG A 777 18.47 -15.02 -15.30
C ARG A 777 17.41 -14.19 -14.62
N GLY A 778 17.85 -13.17 -13.89
CA GLY A 778 16.98 -12.39 -13.03
C GLY A 778 17.75 -11.95 -11.80
N SER A 779 17.06 -11.21 -10.94
CA SER A 779 17.64 -10.60 -9.75
C SER A 779 17.27 -11.30 -8.47
N TYR A 780 15.97 -11.48 -8.21
CA TYR A 780 15.51 -12.21 -7.04
C TYR A 780 14.03 -12.53 -7.17
N SER A 781 13.54 -13.33 -6.24
CA SER A 781 12.22 -13.90 -6.36
C SER A 781 11.16 -12.97 -5.79
N TYR A 782 9.92 -13.24 -6.16
CA TYR A 782 8.75 -12.47 -5.72
C TYR A 782 7.59 -13.46 -5.65
N VAL A 783 6.59 -13.16 -4.84
CA VAL A 783 5.45 -14.08 -4.77
C VAL A 783 4.58 -13.73 -5.96
N ALA A 784 4.64 -14.51 -7.02
CA ALA A 784 3.82 -14.21 -8.17
C ALA A 784 2.36 -14.47 -7.86
N ALA A 785 1.50 -13.77 -8.61
CA ALA A 785 0.08 -14.07 -8.55
C ALA A 785 -0.16 -15.53 -8.89
N GLY A 786 -0.92 -16.21 -8.04
CA GLY A 786 -1.11 -17.64 -8.17
C GLY A 786 -0.10 -18.47 -7.43
N SER A 787 0.93 -17.84 -6.87
CA SER A 787 1.87 -18.49 -5.98
C SER A 787 1.48 -18.15 -4.54
N SER A 788 2.25 -18.67 -3.59
CA SER A 788 2.11 -18.35 -2.18
C SER A 788 3.47 -18.54 -1.55
N GLY A 789 3.55 -18.31 -0.24
CA GLY A 789 4.81 -18.60 0.42
C GLY A 789 5.01 -20.08 0.61
N ASN A 790 3.95 -20.86 0.46
CA ASN A 790 4.04 -22.30 0.52
C ASN A 790 4.95 -22.84 -0.60
N ASP A 791 4.90 -22.21 -1.78
CA ASP A 791 5.81 -22.63 -2.86
C ASP A 791 7.25 -22.52 -2.45
N TYR A 792 7.60 -21.49 -1.68
CA TYR A 792 8.96 -21.40 -1.17
C TYR A 792 9.32 -22.61 -0.30
N ASP A 793 8.33 -23.25 0.31
CA ASP A 793 8.60 -24.44 1.11
C ASP A 793 8.79 -25.66 0.23
N LEU A 794 7.91 -25.84 -0.76
CA LEU A 794 8.16 -26.84 -1.81
C LEU A 794 9.55 -26.72 -2.40
N MET A 795 10.03 -25.51 -2.69
CA MET A 795 11.40 -25.44 -3.19
C MET A 795 12.43 -26.00 -2.26
N ALA A 796 12.18 -26.05 -0.96
CA ALA A 796 13.25 -26.51 -0.10
C ALA A 796 13.19 -28.01 0.21
N GLN A 797 12.07 -28.66 -0.10
CA GLN A 797 11.97 -30.10 0.18
C GLN A 797 13.07 -30.76 -0.63
N PRO A 798 13.93 -31.62 -0.06
CA PRO A 798 14.93 -32.28 -0.84
C PRO A 798 14.31 -33.42 -1.64
N ILE A 799 15.04 -33.92 -2.63
CA ILE A 799 14.51 -35.01 -3.49
C ILE A 799 15.11 -36.36 -3.14
N THR A 800 14.27 -37.37 -3.04
CA THR A 800 14.73 -38.74 -2.72
C THR A 800 14.41 -39.59 -3.93
N PRO A 801 15.41 -40.20 -4.58
CA PRO A 801 15.20 -40.94 -5.80
C PRO A 801 14.55 -42.30 -5.61
N GLY A 802 14.26 -42.98 -6.70
CA GLY A 802 13.65 -44.31 -6.59
C GLY A 802 14.70 -45.34 -6.26
N PRO A 803 14.32 -46.56 -5.85
CA PRO A 803 15.30 -47.53 -5.48
C PRO A 803 15.93 -48.10 -6.76
N SER A 804 17.19 -48.51 -6.68
CA SER A 804 17.89 -49.08 -7.86
C SER A 804 17.22 -50.41 -8.19
N ILE A 805 17.47 -51.40 -7.36
CA ILE A 805 16.86 -52.75 -7.50
C ILE A 805 15.42 -52.59 -7.07
N PRO A 806 14.41 -53.04 -7.81
CA PRO A 806 13.05 -52.86 -7.38
C PRO A 806 12.86 -53.76 -6.16
N GLY A 807 12.11 -53.25 -5.18
CA GLY A 807 11.86 -54.01 -3.95
C GLY A 807 12.89 -53.65 -2.91
N ALA A 808 13.81 -52.78 -3.25
CA ALA A 808 14.82 -52.38 -2.27
C ALA A 808 14.16 -51.39 -1.33
N PRO A 809 14.68 -51.22 -0.11
CA PRO A 809 14.05 -50.35 0.83
C PRO A 809 14.24 -48.92 0.36
N GLN A 810 13.23 -48.10 0.60
CA GLN A 810 13.20 -46.65 0.26
C GLN A 810 14.52 -46.02 0.65
N PRO A 811 15.22 -45.34 -0.26
CA PRO A 811 16.51 -44.80 0.06
C PRO A 811 16.49 -43.47 0.83
N ILE A 812 17.69 -42.91 0.93
CA ILE A 812 18.02 -41.61 1.56
C ILE A 812 17.69 -40.51 0.56
N PRO A 813 17.52 -39.25 0.96
CA PRO A 813 17.31 -38.18 0.02
C PRO A 813 18.70 -37.77 -0.46
N ARG A 814 18.84 -37.39 -1.72
CA ARG A 814 20.20 -37.09 -2.22
C ARG A 814 20.30 -35.70 -2.81
N LEU A 815 19.20 -35.11 -3.26
CA LEU A 815 19.28 -33.77 -3.87
C LEU A 815 18.64 -32.76 -2.93
N PHE A 816 19.42 -31.79 -2.45
CA PHE A 816 18.98 -30.75 -1.52
C PHE A 816 19.04 -29.37 -2.17
N PHE A 817 18.21 -28.44 -1.67
CA PHE A 817 18.07 -27.12 -2.27
C PHE A 817 18.21 -26.03 -1.23
N ALA A 818 19.00 -25.05 -1.57
CA ALA A 818 19.18 -23.85 -0.74
C ALA A 818 19.12 -22.62 -1.64
N GLY A 819 19.44 -21.48 -1.09
CA GLY A 819 19.37 -20.26 -1.91
C GLY A 819 18.23 -19.39 -1.50
N GLU A 820 18.20 -18.17 -1.99
CA GLU A 820 17.19 -17.13 -1.69
C GLU A 820 15.76 -17.59 -1.93
N HIS A 821 15.49 -18.42 -2.91
CA HIS A 821 14.09 -18.74 -3.22
C HIS A 821 13.60 -19.97 -2.47
N THR A 822 14.22 -20.27 -1.35
CA THR A 822 13.89 -21.50 -0.62
C THR A 822 13.52 -21.17 0.82
N ILE A 823 13.74 -19.94 1.22
CA ILE A 823 13.47 -19.60 2.63
C ILE A 823 12.26 -18.70 2.70
N ARG A 824 11.09 -19.30 2.74
CA ARG A 824 9.74 -18.69 2.81
C ARG A 824 9.69 -17.38 3.60
N ASN A 825 10.23 -17.35 4.81
CA ASN A 825 10.13 -16.14 5.63
C ASN A 825 11.12 -15.04 5.23
N TYR A 826 12.20 -15.36 4.54
CA TYR A 826 13.18 -14.31 4.25
C TYR A 826 13.59 -14.36 2.80
N PRO A 827 12.69 -14.43 1.81
CA PRO A 827 13.12 -14.53 0.46
C PRO A 827 13.79 -13.29 -0.10
N ALA A 828 14.63 -13.50 -1.10
CA ALA A 828 15.39 -12.46 -1.81
C ALA A 828 16.11 -11.53 -0.85
N THR A 829 16.74 -12.00 0.23
CA THR A 829 17.35 -11.05 1.18
C THR A 829 18.47 -11.73 1.93
N VAL A 830 19.72 -11.49 1.47
CA VAL A 830 21.04 -12.08 1.88
C VAL A 830 20.99 -12.95 3.11
N HIS A 831 20.54 -12.48 4.26
CA HIS A 831 20.39 -13.33 5.45
C HIS A 831 19.62 -14.58 5.05
N GLY A 832 18.47 -14.43 4.41
CA GLY A 832 17.67 -15.53 3.85
C GLY A 832 18.50 -16.48 3.05
N ALA A 833 19.36 -16.01 2.17
CA ALA A 833 20.22 -16.96 1.44
C ALA A 833 21.07 -17.67 2.48
N LEU A 834 21.94 -16.92 3.11
CA LEU A 834 22.76 -17.40 4.22
C LEU A 834 21.95 -18.29 5.15
N LEU A 835 20.79 -17.84 5.57
CA LEU A 835 20.01 -18.68 6.46
C LEU A 835 19.63 -20.00 5.80
N SER A 836 19.36 -20.01 4.49
CA SER A 836 18.96 -21.27 3.86
C SER A 836 20.14 -22.21 3.70
N GLY A 837 21.32 -21.67 3.43
CA GLY A 837 22.50 -22.50 3.39
C GLY A 837 22.79 -23.13 4.75
N LEU A 838 22.65 -22.35 5.81
CA LEU A 838 22.77 -22.92 7.15
C LEU A 838 21.75 -24.04 7.33
N ARG A 839 20.53 -23.82 6.88
CA ARG A 839 19.49 -24.83 7.02
C ARG A 839 19.91 -26.13 6.35
N GLU A 840 20.24 -26.09 5.07
CA GLU A 840 20.52 -27.36 4.38
C GLU A 840 21.72 -28.07 4.98
N ALA A 841 22.77 -27.34 5.33
CA ALA A 841 23.95 -27.97 5.94
C ALA A 841 23.51 -28.76 7.16
N GLY A 842 22.77 -28.15 8.04
CA GLY A 842 22.29 -28.90 9.20
C GLY A 842 21.44 -30.07 8.81
N ARG A 843 20.57 -29.93 7.82
CA ARG A 843 19.69 -31.07 7.53
C ARG A 843 20.43 -32.14 6.73
N ILE A 844 21.51 -31.77 6.07
CA ILE A 844 22.27 -32.79 5.31
C ILE A 844 23.12 -33.51 6.34
N ALA A 845 23.68 -32.78 7.27
CA ALA A 845 24.50 -33.46 8.28
C ALA A 845 23.62 -34.42 9.07
N ASP A 846 22.45 -33.96 9.51
CA ASP A 846 21.56 -34.83 10.27
C ASP A 846 21.34 -36.13 9.51
N GLN A 847 21.39 -36.05 8.19
CA GLN A 847 21.06 -37.19 7.35
C GLN A 847 22.28 -38.10 7.19
N PHE A 848 23.39 -37.52 6.77
CA PHE A 848 24.59 -38.34 6.50
C PHE A 848 25.48 -38.51 7.72
N LEU A 849 25.36 -37.68 8.74
CA LEU A 849 26.26 -37.91 9.89
C LEU A 849 25.48 -38.48 11.05
N GLY A 850 24.17 -38.33 11.03
CA GLY A 850 23.30 -38.83 12.11
C GLY A 850 23.09 -37.80 13.18
N ALA A 851 21.95 -37.83 13.85
CA ALA A 851 21.78 -36.81 14.89
C ALA A 851 22.05 -37.47 16.24
N MET A 852 23.06 -37.01 16.96
CA MET A 852 23.33 -37.68 18.25
C MET A 852 22.75 -36.82 19.36
N TYR A 853 21.73 -36.03 19.03
CA TYR A 853 21.08 -35.15 19.99
C TYR A 853 19.56 -35.34 20.04
N THR A 854 19.02 -36.37 19.40
CA THR A 854 17.57 -36.62 19.47
C THR A 854 17.20 -37.58 20.60
N LEU A 855 18.11 -38.48 20.98
CA LEU A 855 17.95 -39.36 22.15
C LEU A 855 17.70 -38.58 23.45
N ARG B 12 -11.73 -4.36 10.24
CA ARG B 12 -13.18 -4.44 10.06
C ARG B 12 -13.57 -3.50 8.91
N LYS B 13 -13.06 -2.26 8.93
CA LYS B 13 -13.34 -1.23 7.93
C LYS B 13 -12.14 -0.79 7.07
N PRO B 14 -12.42 -0.09 5.96
CA PRO B 14 -11.33 0.47 5.13
C PRO B 14 -10.52 1.48 5.88
N PRO B 15 -9.53 2.13 5.26
CA PRO B 15 -9.08 3.40 5.78
C PRO B 15 -10.15 4.42 5.49
N LYS B 16 -10.14 5.51 6.25
CA LYS B 16 -11.25 6.45 6.23
C LYS B 16 -11.16 7.35 5.00
N GLY B 17 -12.25 7.43 4.25
CA GLY B 17 -12.23 8.20 3.01
C GLY B 17 -12.23 7.33 1.78
N MET B 18 -11.50 6.21 1.84
CA MET B 18 -11.62 5.15 0.85
C MET B 18 -13.03 4.58 0.87
N PHE B 19 -13.61 4.37 -0.31
CA PHE B 19 -15.00 3.95 -0.40
C PHE B 19 -15.09 2.62 -1.13
N LEU B 20 -15.31 1.55 -0.38
CA LEU B 20 -15.10 0.26 -0.97
C LEU B 20 -16.22 -0.65 -0.45
N SER B 21 -17.40 -0.50 -1.05
CA SER B 21 -18.44 -1.46 -0.65
C SER B 21 -18.37 -2.63 -1.62
N GLN B 22 -18.94 -3.77 -1.23
CA GLN B 22 -18.86 -4.95 -2.11
C GLN B 22 -19.49 -4.60 -3.46
N GLU B 23 -20.68 -4.02 -3.44
CA GLU B 23 -21.43 -3.75 -4.68
C GLU B 23 -20.59 -2.98 -5.70
N ASP B 24 -19.89 -1.94 -5.27
CA ASP B 24 -19.14 -1.13 -6.25
C ASP B 24 -18.07 -1.98 -6.91
N VAL B 25 -17.37 -2.78 -6.12
CA VAL B 25 -16.25 -3.56 -6.71
C VAL B 25 -16.74 -4.47 -7.83
N GLU B 26 -17.88 -5.14 -7.65
CA GLU B 26 -18.34 -6.03 -8.73
C GLU B 26 -18.63 -5.14 -9.94
N ALA B 27 -19.38 -4.08 -9.69
CA ALA B 27 -19.80 -3.14 -10.74
C ALA B 27 -18.62 -2.68 -11.60
N VAL B 28 -17.46 -2.56 -11.01
CA VAL B 28 -16.31 -2.07 -11.77
C VAL B 28 -15.49 -3.23 -12.33
N SER B 29 -15.72 -4.46 -11.87
CA SER B 29 -15.02 -5.64 -12.37
C SER B 29 -15.84 -6.47 -13.36
N ALA B 30 -17.09 -6.08 -13.62
CA ALA B 30 -18.00 -6.94 -14.38
C ALA B 30 -17.47 -7.25 -15.78
N ASN B 31 -16.76 -6.32 -16.40
CA ASN B 31 -16.02 -6.63 -17.62
C ASN B 31 -14.74 -5.81 -17.62
N ALA B 32 -14.06 -5.76 -18.78
CA ALA B 32 -12.82 -5.02 -18.92
C ALA B 32 -13.04 -3.53 -18.66
N THR B 33 -13.88 -2.97 -19.52
CA THR B 33 -14.22 -1.53 -19.61
C THR B 33 -15.36 -1.14 -18.67
N ALA B 34 -15.81 -2.05 -17.82
CA ALA B 34 -16.93 -1.70 -16.93
C ALA B 34 -16.54 -0.51 -16.05
N ALA B 35 -15.33 -0.48 -15.53
CA ALA B 35 -14.98 0.67 -14.67
C ALA B 35 -15.07 1.96 -15.48
N THR B 36 -14.47 2.00 -16.67
CA THR B 36 -14.52 3.25 -17.44
C THR B 36 -15.95 3.54 -17.84
N THR B 37 -16.69 2.50 -18.24
CA THR B 37 -18.08 2.73 -18.66
C THR B 37 -18.85 3.34 -17.48
N VAL B 38 -18.68 2.80 -16.28
CA VAL B 38 -19.44 3.34 -15.13
C VAL B 38 -19.01 4.78 -14.89
N LEU B 39 -17.72 5.07 -14.98
CA LEU B 39 -17.26 6.45 -14.75
C LEU B 39 -17.86 7.38 -15.80
N ARG B 40 -17.96 6.95 -17.05
CA ARG B 40 -18.51 7.88 -18.06
C ARG B 40 -19.96 8.22 -17.73
N GLN B 41 -20.77 7.25 -17.30
CA GLN B 41 -22.19 7.57 -17.03
C GLN B 41 -22.28 8.62 -15.94
N LEU B 42 -21.47 8.51 -14.90
CA LEU B 42 -21.50 9.57 -13.87
C LEU B 42 -21.05 10.86 -14.53
N ASP B 43 -19.97 10.79 -15.31
CA ASP B 43 -19.44 12.00 -15.98
C ASP B 43 -20.56 12.62 -16.81
N MET B 44 -21.19 11.82 -17.66
CA MET B 44 -22.29 12.36 -18.49
C MET B 44 -23.36 12.89 -17.54
N GLU B 45 -23.69 12.13 -16.51
CA GLU B 45 -24.78 12.57 -15.62
C GLU B 45 -24.40 13.88 -14.95
N LEU B 46 -23.16 14.05 -14.54
CA LEU B 46 -22.84 15.34 -13.88
C LEU B 46 -23.03 16.46 -14.88
N VAL B 47 -22.61 16.28 -16.11
CA VAL B 47 -22.78 17.39 -17.09
C VAL B 47 -24.26 17.66 -17.26
N SER B 48 -25.09 16.63 -17.34
CA SER B 48 -26.53 16.88 -17.56
C SER B 48 -27.07 17.68 -16.39
N VAL B 49 -26.75 17.31 -15.16
CA VAL B 49 -27.33 18.10 -14.04
C VAL B 49 -26.77 19.51 -14.08
N LYS B 50 -25.52 19.67 -14.44
CA LYS B 50 -24.93 21.02 -14.46
C LYS B 50 -25.72 21.89 -15.41
N ARG B 51 -25.98 21.41 -16.62
CA ARG B 51 -26.74 22.25 -17.59
C ARG B 51 -28.11 22.60 -17.02
N GLN B 52 -28.80 21.66 -16.39
CA GLN B 52 -30.11 21.95 -15.78
C GLN B 52 -29.95 23.10 -14.79
N ILE B 53 -28.93 23.04 -13.94
CA ILE B 53 -28.70 24.12 -12.95
C ILE B 53 -28.62 25.45 -13.68
N GLN B 54 -27.83 25.56 -14.73
CA GLN B 54 -27.71 26.87 -15.40
C GLN B 54 -29.07 27.26 -15.96
N ASN B 55 -29.74 26.31 -16.60
CA ASN B 55 -31.07 26.54 -17.19
C ASN B 55 -31.97 27.14 -16.12
N ILE B 56 -32.08 26.50 -14.97
CA ILE B 56 -32.97 27.06 -13.91
C ILE B 56 -32.41 28.37 -13.37
N LYS B 57 -31.11 28.60 -13.38
CA LYS B 57 -30.62 29.91 -12.89
C LYS B 57 -31.25 30.98 -13.77
N GLN B 58 -31.17 30.81 -15.09
CA GLN B 58 -31.75 31.79 -16.04
C GLN B 58 -33.19 32.07 -15.67
N THR B 59 -33.99 31.01 -15.60
CA THR B 59 -35.42 31.15 -15.27
C THR B 59 -35.57 31.97 -13.99
N ASN B 60 -34.95 31.54 -12.91
CA ASN B 60 -35.09 32.29 -11.64
C ASN B 60 -34.59 33.71 -11.86
N SER B 61 -33.64 33.91 -12.75
CA SER B 61 -33.18 35.28 -12.92
C SER B 61 -34.22 36.11 -13.67
N ALA B 62 -34.99 35.49 -14.57
CA ALA B 62 -36.10 36.19 -15.21
C ALA B 62 -37.22 36.47 -14.21
N LEU B 63 -37.71 35.44 -13.52
CA LEU B 63 -38.70 35.64 -12.47
C LEU B 63 -38.22 36.63 -11.41
N LYS B 64 -36.91 36.77 -11.27
CA LYS B 64 -36.39 37.68 -10.26
C LYS B 64 -36.53 39.13 -10.70
N GLU B 65 -36.46 39.39 -12.02
CA GLU B 65 -36.57 40.76 -12.52
C GLU B 65 -38.02 41.24 -12.57
N LYS B 66 -38.98 40.34 -12.81
CA LYS B 66 -40.38 40.72 -12.74
C LYS B 66 -40.79 41.18 -11.33
N LEU B 67 -40.05 40.79 -10.29
CA LEU B 67 -40.36 41.23 -8.95
C LEU B 67 -39.57 42.47 -8.54
N ASP B 68 -39.01 43.17 -9.53
CA ASP B 68 -38.19 44.33 -9.11
C ASP B 68 -39.08 45.44 -8.56
N GLY B 69 -38.65 46.05 -7.47
CA GLY B 69 -39.38 47.14 -6.79
C GLY B 69 -40.24 46.60 -5.68
N GLY B 70 -40.38 45.28 -5.59
CA GLY B 70 -41.17 44.71 -4.50
C GLY B 70 -42.58 45.25 -4.49
N ILE B 71 -43.10 45.59 -3.32
CA ILE B 71 -44.49 46.09 -3.34
C ILE B 71 -44.52 47.45 -2.66
N GLU B 72 -43.42 48.18 -2.73
CA GLU B 72 -43.35 49.48 -2.03
C GLU B 72 -44.42 50.42 -2.56
N PRO B 73 -44.67 50.50 -3.87
CA PRO B 73 -45.73 51.34 -4.39
C PRO B 73 -47.12 50.90 -3.95
N TYR B 74 -47.33 49.61 -3.72
CA TYR B 74 -48.66 49.06 -3.40
C TYR B 74 -48.90 48.96 -1.89
N ARG B 75 -48.04 49.55 -1.07
CA ARG B 75 -48.24 49.36 0.40
C ARG B 75 -49.03 50.53 0.97
N LEU B 76 -49.73 50.29 2.07
CA LEU B 76 -50.55 51.37 2.67
C LEU B 76 -50.11 51.62 4.10
N PRO B 77 -50.01 52.89 4.53
CA PRO B 77 -49.61 53.22 5.89
C PRO B 77 -50.44 52.53 6.98
N GLU B 78 -49.79 52.24 8.11
CA GLU B 78 -50.44 51.57 9.25
C GLU B 78 -51.40 52.52 9.96
N VAL B 79 -52.59 52.03 10.30
CA VAL B 79 -53.62 52.86 10.99
C VAL B 79 -53.44 52.66 12.50
N ILE B 80 -52.82 53.62 13.16
CA ILE B 80 -52.64 53.52 14.63
C ILE B 80 -54.01 53.83 15.24
N GLN B 81 -54.70 52.84 15.80
CA GLN B 81 -56.03 53.20 16.33
C GLN B 81 -56.29 52.47 17.65
N LYS B 82 -56.87 53.19 18.61
CA LYS B 82 -57.17 52.62 19.95
C LYS B 82 -58.43 51.79 19.86
N CYS B 83 -58.66 50.92 20.82
CA CYS B 83 -59.85 50.04 20.73
C CYS B 83 -61.05 50.72 21.38
N ASN B 84 -62.21 50.07 21.34
CA ASN B 84 -63.44 50.66 21.90
C ASN B 84 -64.49 49.56 22.01
N ALA B 85 -65.41 49.64 22.97
CA ALA B 85 -66.40 48.55 23.07
C ALA B 85 -67.79 49.07 22.75
N ARG B 86 -67.93 50.36 22.48
CA ARG B 86 -69.27 50.86 22.09
C ARG B 86 -69.45 50.53 20.62
N TRP B 87 -70.59 49.98 20.25
CA TRP B 87 -70.85 49.67 18.84
C TRP B 87 -71.67 50.78 18.20
N THR B 88 -71.03 51.71 17.51
CA THR B 88 -71.85 52.66 16.78
C THR B 88 -72.61 51.90 15.71
N THR B 89 -73.79 52.41 15.35
CA THR B 89 -74.59 51.73 14.33
C THR B 89 -73.76 51.50 13.09
N GLU B 90 -72.83 52.40 12.81
CA GLU B 90 -71.95 52.25 11.66
C GLU B 90 -71.17 50.95 11.74
N GLU B 91 -70.37 50.77 12.80
CA GLU B 91 -69.53 49.58 12.79
C GLU B 91 -70.29 48.33 13.21
N GLN B 92 -71.53 48.45 13.66
CA GLN B 92 -72.42 47.29 13.61
C GLN B 92 -72.65 46.86 12.17
N LEU B 93 -72.79 47.84 11.27
CA LEU B 93 -73.17 47.56 9.89
C LEU B 93 -71.98 47.08 9.08
N LEU B 94 -70.83 47.73 9.26
CA LEU B 94 -69.58 47.16 8.77
C LEU B 94 -69.48 45.69 9.12
N ALA B 95 -69.84 45.35 10.36
CA ALA B 95 -69.75 43.99 10.90
C ALA B 95 -70.55 42.99 10.09
N VAL B 96 -71.88 43.12 10.11
CA VAL B 96 -72.78 42.26 9.34
C VAL B 96 -72.23 42.03 7.93
N GLN B 97 -71.76 43.09 7.30
CA GLN B 97 -71.21 42.94 5.96
C GLN B 97 -69.94 42.12 5.97
N ALA B 98 -69.09 42.33 6.98
CA ALA B 98 -67.85 41.58 7.06
C ALA B 98 -68.13 40.12 7.39
N ILE B 99 -69.13 39.88 8.23
CA ILE B 99 -69.53 38.52 8.53
C ILE B 99 -70.02 37.81 7.27
N ARG B 100 -70.81 38.52 6.44
CA ARG B 100 -71.18 38.10 5.09
C ARG B 100 -69.96 37.79 4.23
N LYS B 101 -68.86 38.51 4.41
CA LYS B 101 -67.72 38.36 3.52
C LYS B 101 -66.65 37.43 4.08
N TYR B 102 -66.58 37.30 5.38
CA TYR B 102 -65.41 36.53 5.86
C TYR B 102 -65.80 35.33 6.70
N GLY B 103 -67.05 34.91 6.71
CA GLY B 103 -67.35 33.72 7.53
C GLY B 103 -67.00 33.96 8.98
N ARG B 104 -66.11 33.15 9.57
CA ARG B 104 -65.74 33.33 11.00
C ARG B 104 -64.33 33.85 11.18
N ASP B 105 -63.67 34.41 10.17
CA ASP B 105 -62.28 34.83 10.44
C ASP B 105 -62.30 36.15 11.20
N PHE B 106 -62.37 36.07 12.51
CA PHE B 106 -62.51 37.27 13.37
C PHE B 106 -61.36 38.25 13.20
N GLN B 107 -60.14 37.78 12.95
CA GLN B 107 -59.04 38.73 12.75
C GLN B 107 -59.44 39.69 11.62
N ALA B 108 -59.93 39.15 10.52
CA ALA B 108 -60.37 40.01 9.44
C ALA B 108 -61.46 40.96 9.93
N ILE B 109 -62.56 40.41 10.45
CA ILE B 109 -63.64 41.27 10.90
C ILE B 109 -63.16 42.26 11.95
N SER B 110 -62.20 41.88 12.78
CA SER B 110 -61.52 42.90 13.58
C SER B 110 -60.86 43.95 12.69
N ASP B 111 -60.16 43.51 11.64
CA ASP B 111 -59.37 44.41 10.80
C ASP B 111 -60.27 45.38 10.06
N VAL B 112 -61.38 44.86 9.52
CA VAL B 112 -62.34 45.66 8.77
C VAL B 112 -62.95 46.73 9.67
N ILE B 113 -63.46 46.30 10.81
CA ILE B 113 -64.07 47.29 11.74
C ILE B 113 -62.99 48.23 12.22
N GLY B 114 -61.88 47.73 12.71
CA GLY B 114 -60.80 48.67 13.09
C GLY B 114 -60.81 49.03 14.55
N ASN B 115 -61.98 49.23 15.15
CA ASN B 115 -62.00 49.61 16.58
C ASN B 115 -62.68 48.54 17.43
N LYS B 116 -62.48 47.30 17.03
CA LYS B 116 -62.95 46.25 17.92
C LYS B 116 -62.01 45.07 17.82
N SER B 117 -61.83 44.42 18.95
CA SER B 117 -60.88 43.28 19.04
C SER B 117 -61.60 41.98 18.69
N VAL B 118 -60.86 40.90 18.37
CA VAL B 118 -61.55 39.62 18.10
C VAL B 118 -62.53 39.27 19.21
N VAL B 119 -62.16 39.54 20.46
CA VAL B 119 -63.15 39.18 21.50
C VAL B 119 -64.38 40.05 21.28
N GLN B 120 -64.16 41.35 21.07
CA GLN B 120 -65.29 42.27 20.82
C GLN B 120 -66.03 41.68 19.64
N VAL B 121 -65.33 41.39 18.53
CA VAL B 121 -66.09 40.72 17.45
C VAL B 121 -66.66 39.41 17.97
N LYS B 122 -65.82 38.66 18.67
CA LYS B 122 -66.25 37.30 19.04
C LYS B 122 -67.48 37.38 19.92
N ASN B 123 -67.44 38.24 20.94
CA ASN B 123 -68.64 38.32 21.81
C ASN B 123 -69.81 38.89 21.02
N PHE B 124 -69.53 39.86 20.14
CA PHE B 124 -70.58 40.56 19.37
C PHE B 124 -71.44 39.57 18.58
N PHE B 125 -70.87 38.47 18.14
CA PHE B 125 -71.68 37.51 17.35
C PHE B 125 -72.87 37.04 18.16
N VAL B 126 -72.60 36.52 19.35
CA VAL B 126 -73.73 35.97 20.14
C VAL B 126 -74.71 37.07 20.50
N ASN B 127 -74.23 38.24 20.87
CA ASN B 127 -75.19 39.27 21.34
C ASN B 127 -76.19 39.65 20.26
N TYR B 128 -75.73 39.86 19.03
CA TYR B 128 -76.64 40.37 17.99
C TYR B 128 -77.15 39.26 17.08
N ARG B 129 -76.90 38.01 17.43
CA ARG B 129 -77.27 36.89 16.54
C ARG B 129 -78.76 36.90 16.25
N ARG B 130 -79.56 37.12 17.28
CA ARG B 130 -81.02 37.13 17.03
C ARG B 130 -81.40 38.34 16.17
N ARG B 131 -80.94 39.50 16.61
CA ARG B 131 -81.33 40.80 16.01
C ARG B 131 -80.78 40.99 14.60
N PHE B 132 -79.55 40.60 14.35
CA PHE B 132 -79.00 40.87 13.02
C PHE B 132 -79.16 39.67 12.12
N ASN B 133 -79.87 38.63 12.57
CA ASN B 133 -80.08 37.40 11.78
C ASN B 133 -78.73 36.83 11.36
N ILE B 134 -77.74 36.82 12.25
CA ILE B 134 -76.37 36.38 11.86
C ILE B 134 -76.50 34.96 11.43
N ASP B 135 -77.57 34.33 11.89
CA ASP B 135 -77.66 32.95 11.42
C ASP B 135 -77.78 32.86 9.90
N GLU B 136 -78.74 33.61 9.32
CA GLU B 136 -78.92 33.54 7.88
C GLU B 136 -77.69 34.06 7.14
N VAL B 137 -77.09 35.15 7.64
CA VAL B 137 -75.89 35.70 7.02
C VAL B 137 -74.82 34.61 6.92
N LEU B 138 -74.69 33.81 7.98
CA LEU B 138 -73.66 32.79 8.05
C LEU B 138 -73.83 31.76 6.94
N GLN B 139 -75.04 31.22 6.77
CA GLN B 139 -75.31 30.20 5.76
C GLN B 139 -75.27 30.73 4.34
N GLU B 140 -75.40 32.04 4.17
CA GLU B 140 -75.14 32.65 2.88
C GLU B 140 -73.63 32.82 2.61
N TRP B 141 -72.82 32.96 3.67
CA TRP B 141 -71.37 32.79 3.54
C TRP B 141 -71.00 31.40 3.05
N GLU B 142 -71.64 30.37 3.62
CA GLU B 142 -71.37 28.97 3.26
C GLU B 142 -71.50 28.77 1.75
N ALA B 143 -72.58 29.32 1.17
CA ALA B 143 -72.93 29.07 -0.23
C ALA B 143 -71.76 29.27 -1.19
N GLU B 144 -71.00 30.35 -1.01
CA GLU B 144 -69.81 30.60 -1.84
C GLU B 144 -68.61 29.74 -1.40
N PRO C 1 10.65 -8.75 -1.77
CA PRO C 1 10.25 -8.48 -0.38
C PRO C 1 9.68 -7.07 -0.16
N ARG C 2 8.83 -6.89 0.84
CA ARG C 2 8.29 -5.53 1.04
C ARG C 2 9.31 -4.70 1.84
N SER C 3 10.34 -5.33 2.37
CA SER C 3 11.30 -4.64 3.26
C SER C 3 12.31 -3.77 2.50
N PHE C 4 12.34 -3.83 1.18
CA PHE C 4 13.34 -3.03 0.43
C PHE C 4 12.82 -1.61 0.23
N LEU C 5 11.51 -1.43 0.40
CA LEU C 5 10.81 -0.14 0.22
C LEU C 5 11.59 1.02 0.81
N VAL C 6 11.80 2.04 -0.01
CA VAL C 6 12.57 3.25 0.37
C VAL C 6 11.62 4.22 1.06
N ARG C 7 12.13 5.02 1.99
CA ARG C 7 11.35 6.02 2.76
C ARG C 7 10.15 5.35 3.39
N LYS C 8 10.36 4.19 4.03
CA LYS C 8 9.25 3.44 4.66
C LYS C 8 8.54 4.32 5.70
N PRO C 9 7.19 4.28 5.78
CA PRO C 9 6.46 5.08 6.76
C PRO C 9 6.54 4.39 8.13
O2A HUF D . 22.35 -16.72 -6.94
PA HUF D . 23.41 -16.65 -5.94
O1A HUF D . 23.98 -15.42 -5.42
O3A HUF D . 22.98 -17.44 -4.68
PB HUF D . 22.01 -17.14 -3.49
O3B HUF D . 22.63 -17.71 -2.30
O2B HUF D . 20.69 -17.60 -3.92
O1B HUF D . 22.10 -15.57 -3.39
O5' HUF D . 24.57 -17.57 -6.37
C5' HUF D . 24.23 -18.64 -7.23
C4' HUF D . 25.53 -19.21 -7.74
C3' HUF D . 26.41 -18.24 -8.53
O3' HUF D . 27.77 -18.62 -8.46
C2' HUF D . 25.98 -18.58 -9.94
O2' HUF D . 26.92 -18.17 -10.90
C1' HUF D . 26.02 -20.08 -9.78
O4' HUF D . 25.20 -20.27 -8.67
N9 HUF D . 25.49 -20.84 -10.88
C4 HUF D . 26.04 -21.96 -11.42
C5 HUF D . 25.19 -22.34 -12.43
N7 HUF D . 24.14 -21.47 -12.54
C8 HUF D . 24.35 -20.61 -11.59
N3 HUF D . 27.17 -22.56 -11.04
C2 HUF D . 27.39 -23.63 -11.78
N1 HUF D . 26.68 -24.12 -12.79
C6 HUF D . 25.56 -23.48 -13.15
N6 HUF D . 24.85 -23.96 -14.15
C11 HUF D . 20.06 -9.35 -8.00
C12 HUF D . 20.02 -8.49 -6.76
C13 HUF D . 19.77 -9.06 -5.55
C14 HUF D . 19.71 -8.29 -4.40
C15 HUF D . 19.92 -6.93 -4.50
C16 HUF D . 20.16 -6.34 -5.73
C17 HUF D . 20.21 -7.08 -6.86
C18 HUF D . 20.48 -6.43 -8.17
C19 HUF D . 19.23 -4.97 -3.46
C20 HUF D . 19.83 -6.80 -2.08
C21 HUF D . 19.60 -8.14 -2.02
C22 HUF D . 19.75 -8.09 0.34
C23 HUF D . 20.00 -6.08 -0.95
C24 HUF D . 19.13 -10.30 -3.11
C25 HUF D . 20.30 -11.13 -2.72
C26 HUF D . 19.95 -12.57 -2.37
C27 HUF D . 21.15 -13.51 -2.50
C28 HUF D . 20.88 -14.80 -3.23
N29 HUF D . 19.86 -6.14 -3.34
N30 HUF D . 19.57 -8.77 -0.82
N31 HUF D . 19.97 -6.76 0.24
N32 HUF D . 19.47 -8.86 -3.16
O33 HUF D . 18.38 -4.65 -2.68
O34 HUF D . 19.73 -8.65 1.41
O35 HUF D . 20.22 -4.87 -0.95
O36 HUF D . 21.16 -11.20 -3.78
O37 HUF D . 19.48 -12.56 -1.01
O38 HUF D . 22.22 -12.85 -3.18
#